data_4DNF
#
_entry.id   4DNF
#
_cell.length_a   168.147
_cell.length_b   83.959
_cell.length_c   89.536
_cell.angle_alpha   90.00
_cell.angle_beta   100.31
_cell.angle_gamma   90.00
#
_symmetry.space_group_name_H-M   'C 1 2 1'
#
loop_
_entity.id
_entity.type
_entity.pdbx_description
1 polymer 'Putative hydrolase'
2 non-polymer (2S)-1-bromopropan-2-ol
3 water water
#
_entity_poly.entity_id   1
_entity_poly.type   'polypeptide(L)'
_entity_poly.pdbx_seq_one_letter_code
;AEEFPVPNGFESAYREVDGVKLHYVKGGQGPLVMLVHGFGQTWYEWHQLMPELAKRFTVIAPDLPGLGQSEPPKTGYSGE
QVAVYLHKLARQFSPDRPFDLVAHDIGIWNTYPMVVKNQADIARLVYMQAPIPDARIYRFPAFTAQGESLVWHFSFFAAD
DRLAETLIAGKERFFLEHFIKSHASNTEVFSERLLDLYARSYAKPHSLNASFEYYRALNESVRQNAELAKTRLQMPTMTL
AGGGHGGMGTFQLEQMKAYAEDVEGHVLPGCGHWLPEECAAPMNRLVIDFLSRGRHHHHHH
;
_entity_poly.pdbx_strand_id   A,B,C,D
#
loop_
_chem_comp.id
_chem_comp.type
_chem_comp.name
_chem_comp.formula
EBH non-polymer (2S)-1-bromopropan-2-ol 'C3 H7 Br O'
#
# COMPACT_ATOMS: atom_id res chain seq x y z
N ALA A 1 -33.21 3.33 1.42
CA ALA A 1 -31.82 3.56 1.06
C ALA A 1 -30.89 2.51 1.66
N GLU A 2 -29.96 2.01 0.84
CA GLU A 2 -28.97 1.06 1.30
C GLU A 2 -27.57 1.60 1.02
N GLU A 3 -26.73 1.66 2.04
CA GLU A 3 -25.35 2.12 1.87
C GLU A 3 -24.49 1.16 1.05
N PHE A 4 -24.80 -0.13 1.13
CA PHE A 4 -24.07 -1.18 0.40
C PHE A 4 -25.05 -2.17 -0.23
N PRO A 5 -24.66 -2.78 -1.37
CA PRO A 5 -25.57 -3.69 -2.07
C PRO A 5 -25.80 -4.99 -1.32
N VAL A 6 -27.06 -5.35 -1.13
CA VAL A 6 -27.39 -6.60 -0.47
C VAL A 6 -27.18 -7.78 -1.42
N PRO A 7 -26.51 -8.84 -0.93
CA PRO A 7 -26.35 -10.03 -1.79
C PRO A 7 -27.70 -10.60 -2.18
N ASN A 8 -27.77 -11.25 -3.34
CA ASN A 8 -29.04 -11.77 -3.82
C ASN A 8 -29.64 -12.75 -2.82
N GLY A 9 -30.91 -12.57 -2.50
CA GLY A 9 -31.60 -13.47 -1.60
C GLY A 9 -31.57 -13.04 -0.15
N PHE A 10 -30.80 -12.01 0.16
CA PHE A 10 -30.72 -11.49 1.51
C PHE A 10 -31.66 -10.30 1.66
N GLU A 11 -32.02 -9.98 2.90
CA GLU A 11 -32.84 -8.82 3.17
C GLU A 11 -32.10 -7.83 4.08
N SER A 12 -32.28 -6.55 3.81
CA SER A 12 -31.77 -5.52 4.69
C SER A 12 -32.93 -5.03 5.56
N ALA A 13 -32.74 -5.09 6.88
CA ALA A 13 -33.82 -4.79 7.81
C ALA A 13 -33.32 -4.12 9.08
N TYR A 14 -34.23 -3.77 9.98
CA TYR A 14 -33.87 -3.15 11.25
C TYR A 14 -34.60 -3.81 12.40
N ARG A 15 -33.93 -3.85 13.56
CA ARG A 15 -34.56 -4.32 14.77
C ARG A 15 -34.29 -3.35 15.90
N GLU A 16 -35.35 -2.87 16.57
CA GLU A 16 -35.18 -2.01 17.72
C GLU A 16 -34.78 -2.85 18.95
N VAL A 17 -33.62 -2.53 19.54
CA VAL A 17 -33.13 -3.28 20.69
C VAL A 17 -32.80 -2.29 21.81
N ASP A 18 -33.53 -2.37 22.91
CA ASP A 18 -33.31 -1.44 24.02
C ASP A 18 -33.30 0.01 23.54
N GLY A 19 -34.26 0.35 22.69
CA GLY A 19 -34.43 1.72 22.25
C GLY A 19 -33.45 2.17 21.17
N VAL A 20 -32.68 1.22 20.65
CA VAL A 20 -31.71 1.52 19.61
C VAL A 20 -32.02 0.76 18.34
N LYS A 21 -32.16 1.46 17.22
CA LYS A 21 -32.50 0.82 15.96
CA LYS A 21 -32.50 0.80 15.97
C LYS A 21 -31.24 0.27 15.31
N LEU A 22 -31.12 -1.06 15.25
CA LEU A 22 -29.95 -1.72 14.68
C LEU A 22 -30.25 -2.20 13.28
N HIS A 23 -29.35 -1.92 12.36
CA HIS A 23 -29.49 -2.39 10.99
C HIS A 23 -28.81 -3.74 10.86
N TYR A 24 -29.38 -4.64 10.06
CA TYR A 24 -28.69 -5.88 9.77
C TYR A 24 -29.06 -6.37 8.37
N VAL A 25 -28.28 -7.31 7.88
CA VAL A 25 -28.58 -8.01 6.63
C VAL A 25 -28.70 -9.48 7.00
N LYS A 26 -29.74 -10.14 6.51
CA LYS A 26 -30.04 -11.50 6.93
C LYS A 26 -30.38 -12.39 5.74
N GLY A 27 -29.97 -13.65 5.81
CA GLY A 27 -30.28 -14.58 4.73
C GLY A 27 -30.01 -16.02 5.15
N GLY A 28 -30.56 -16.96 4.40
CA GLY A 28 -30.29 -18.37 4.65
C GLY A 28 -31.26 -19.03 5.59
N GLN A 29 -30.99 -20.31 5.86
CA GLN A 29 -31.79 -21.13 6.75
C GLN A 29 -30.90 -22.01 7.62
N GLY A 30 -31.41 -22.38 8.78
CA GLY A 30 -30.68 -23.27 9.68
C GLY A 30 -30.25 -22.54 10.93
N PRO A 31 -29.32 -23.14 11.69
CA PRO A 31 -28.81 -22.50 12.91
C PRO A 31 -28.28 -21.10 12.60
N LEU A 32 -28.33 -20.22 13.59
CA LEU A 32 -27.97 -18.82 13.36
C LEU A 32 -26.47 -18.60 13.50
N VAL A 33 -25.89 -17.86 12.57
CA VAL A 33 -24.54 -17.33 12.74
C VAL A 33 -24.59 -15.82 12.62
N MET A 34 -24.04 -15.13 13.62
CA MET A 34 -23.94 -13.68 13.59
C MET A 34 -22.50 -13.28 13.27
N LEU A 35 -22.33 -12.41 12.28
CA LEU A 35 -21.02 -11.90 11.85
C LEU A 35 -20.94 -10.44 12.23
N VAL A 36 -19.88 -10.06 12.94
CA VAL A 36 -19.78 -8.70 13.48
C VAL A 36 -18.51 -8.00 12.97
N HIS A 37 -18.71 -6.93 12.22
CA HIS A 37 -17.61 -6.20 11.57
C HIS A 37 -16.83 -5.32 12.55
N GLY A 38 -15.81 -4.65 12.04
CA GLY A 38 -14.99 -3.79 12.85
C GLY A 38 -14.87 -2.37 12.34
N PHE A 39 -13.85 -1.68 12.83
CA PHE A 39 -13.66 -0.26 12.54
C PHE A 39 -13.37 0.00 11.07
N GLY A 40 -13.95 1.07 10.54
CA GLY A 40 -13.68 1.49 9.17
C GLY A 40 -14.63 0.82 8.18
N GLN A 41 -15.43 -0.12 8.69
CA GLN A 41 -16.30 -0.91 7.83
C GLN A 41 -17.70 -1.10 8.41
N THR A 42 -18.45 -2.01 7.82
CA THR A 42 -19.85 -2.25 8.16
C THR A 42 -20.11 -3.72 7.88
N TRP A 43 -21.38 -4.10 7.92
CA TRP A 43 -21.78 -5.48 7.62
C TRP A 43 -21.21 -5.97 6.28
N TYR A 44 -20.96 -5.03 5.37
CA TYR A 44 -20.55 -5.35 4.00
C TYR A 44 -19.23 -6.09 3.89
N GLU A 45 -18.38 -6.00 4.90
CA GLU A 45 -17.12 -6.73 4.84
C GLU A 45 -17.38 -8.24 4.71
N TRP A 46 -18.56 -8.68 5.15
CA TRP A 46 -18.92 -10.08 5.15
C TRP A 46 -19.67 -10.50 3.89
N HIS A 47 -19.84 -9.60 2.93
CA HIS A 47 -20.80 -9.88 1.85
C HIS A 47 -20.39 -11.02 0.92
N GLN A 48 -19.10 -11.36 0.89
CA GLN A 48 -18.65 -12.49 0.07
C GLN A 48 -18.80 -13.82 0.79
N LEU A 49 -18.70 -13.79 2.11
CA LEU A 49 -18.78 -14.99 2.93
C LEU A 49 -20.25 -15.36 3.18
N MET A 50 -21.11 -14.35 3.23
CA MET A 50 -22.50 -14.55 3.61
C MET A 50 -23.29 -15.57 2.76
N PRO A 51 -23.22 -15.44 1.42
CA PRO A 51 -23.95 -16.39 0.57
C PRO A 51 -23.50 -17.84 0.76
N GLU A 52 -22.21 -18.03 1.02
CA GLU A 52 -21.66 -19.37 1.24
C GLU A 52 -22.17 -19.95 2.56
N LEU A 53 -22.12 -19.14 3.62
CA LEU A 53 -22.63 -19.59 4.90
C LEU A 53 -24.14 -19.82 4.86
N ALA A 54 -24.84 -19.02 4.06
CA ALA A 54 -26.30 -19.09 4.02
C ALA A 54 -26.82 -20.42 3.47
N LYS A 55 -25.93 -21.22 2.90
CA LYS A 55 -26.34 -22.51 2.38
C LYS A 55 -26.56 -23.52 3.49
N ARG A 56 -26.06 -23.20 4.68
CA ARG A 56 -26.06 -24.11 5.82
C ARG A 56 -26.61 -23.46 7.09
N PHE A 57 -26.62 -22.13 7.11
CA PHE A 57 -26.98 -21.40 8.32
C PHE A 57 -27.91 -20.25 7.99
N THR A 58 -28.63 -19.79 9.02
CA THR A 58 -29.27 -18.49 8.95
C THR A 58 -28.18 -17.48 9.32
N VAL A 59 -27.93 -16.52 8.43
CA VAL A 59 -26.81 -15.59 8.63
C VAL A 59 -27.32 -14.18 8.89
N ILE A 60 -26.80 -13.55 9.94
CA ILE A 60 -27.14 -12.17 10.24
CA ILE A 60 -27.13 -12.16 10.23
C ILE A 60 -25.86 -11.34 10.43
N ALA A 61 -25.80 -10.21 9.75
CA ALA A 61 -24.63 -9.32 9.89
C ALA A 61 -25.12 -7.93 10.25
N PRO A 62 -25.02 -7.55 11.53
CA PRO A 62 -25.52 -6.25 11.96
C PRO A 62 -24.50 -5.15 11.74
N ASP A 63 -24.96 -3.91 11.66
CA ASP A 63 -24.07 -2.77 11.77
C ASP A 63 -23.89 -2.46 13.25
N LEU A 64 -22.65 -2.25 13.68
CA LEU A 64 -22.36 -1.89 15.06
C LEU A 64 -23.06 -0.57 15.40
N PRO A 65 -23.53 -0.42 16.64
CA PRO A 65 -24.19 0.82 17.04
C PRO A 65 -23.43 2.08 16.61
N GLY A 66 -24.13 2.96 15.91
CA GLY A 66 -23.54 4.20 15.44
C GLY A 66 -22.85 4.13 14.09
N LEU A 67 -22.54 2.91 13.64
CA LEU A 67 -21.84 2.68 12.37
C LEU A 67 -22.82 2.11 11.36
N GLY A 68 -22.46 2.18 10.09
CA GLY A 68 -23.37 1.72 9.06
C GLY A 68 -24.69 2.47 9.19
N GLN A 69 -25.78 1.71 9.15
CA GLN A 69 -27.12 2.27 9.26
C GLN A 69 -27.74 2.02 10.64
N SER A 70 -26.89 1.73 11.62
CA SER A 70 -27.34 1.51 13.00
C SER A 70 -27.24 2.79 13.83
N GLU A 71 -28.28 3.05 14.62
CA GLU A 71 -28.26 4.17 15.57
C GLU A 71 -27.18 3.98 16.62
N PRO A 72 -26.63 5.10 17.12
CA PRO A 72 -25.65 5.00 18.20
C PRO A 72 -26.27 4.37 19.44
N PRO A 73 -25.44 3.80 20.32
CA PRO A 73 -25.95 3.19 21.55
C PRO A 73 -26.47 4.25 22.50
N LYS A 74 -27.45 3.89 23.32
CA LYS A 74 -27.98 4.86 24.27
CA LYS A 74 -28.04 4.81 24.30
CA LYS A 74 -28.02 4.84 24.28
C LYS A 74 -27.33 4.73 25.64
N THR A 75 -26.69 3.60 25.91
CA THR A 75 -25.97 3.39 27.16
C THR A 75 -24.54 3.91 27.06
N GLY A 76 -23.72 3.26 26.24
CA GLY A 76 -22.34 3.65 26.05
C GLY A 76 -21.63 2.76 25.06
N TYR A 77 -20.32 2.99 24.87
CA TYR A 77 -19.57 2.33 23.81
C TYR A 77 -18.59 1.28 24.34
N SER A 78 -18.61 1.05 25.65
CA SER A 78 -17.73 0.03 26.24
C SER A 78 -18.19 -1.34 25.79
N GLY A 79 -17.28 -2.31 25.80
CA GLY A 79 -17.60 -3.64 25.30
C GLY A 79 -18.83 -4.24 25.96
N GLU A 80 -18.93 -4.11 27.29
CA GLU A 80 -20.02 -4.73 28.00
C GLU A 80 -21.35 -4.08 27.62
N GLN A 81 -21.32 -2.78 27.38
CA GLN A 81 -22.53 -2.05 27.02
C GLN A 81 -23.01 -2.41 25.62
N VAL A 82 -22.08 -2.43 24.67
CA VAL A 82 -22.43 -2.77 23.29
C VAL A 82 -22.84 -4.23 23.14
N ALA A 83 -22.16 -5.13 23.84
CA ALA A 83 -22.46 -6.56 23.73
C ALA A 83 -23.91 -6.87 24.09
N VAL A 84 -24.50 -6.13 25.03
CA VAL A 84 -25.91 -6.29 25.36
C VAL A 84 -26.77 -6.17 24.11
N TYR A 85 -26.56 -5.11 23.33
CA TYR A 85 -27.35 -4.91 22.10
C TYR A 85 -27.19 -6.08 21.13
N LEU A 86 -25.97 -6.53 20.93
CA LEU A 86 -25.71 -7.62 19.99
C LEU A 86 -26.25 -8.97 20.47
N HIS A 87 -26.11 -9.25 21.77
CA HIS A 87 -26.66 -10.49 22.34
C HIS A 87 -28.17 -10.55 22.17
N LYS A 88 -28.84 -9.47 22.56
CA LYS A 88 -30.28 -9.40 22.44
C LYS A 88 -30.75 -9.50 20.99
N LEU A 89 -30.00 -8.88 20.07
CA LEU A 89 -30.34 -8.96 18.65
C LEU A 89 -30.31 -10.42 18.21
N ALA A 90 -29.18 -11.08 18.44
CA ALA A 90 -29.03 -12.48 18.06
C ALA A 90 -30.11 -13.35 18.68
N ARG A 91 -30.43 -13.10 19.95
CA ARG A 91 -31.40 -13.94 20.65
C ARG A 91 -32.83 -13.73 20.14
N GLN A 92 -33.12 -12.57 19.56
CA GLN A 92 -34.41 -12.40 18.87
C GLN A 92 -34.59 -13.44 17.77
N PHE A 93 -33.51 -13.74 17.04
CA PHE A 93 -33.56 -14.67 15.93
C PHE A 93 -33.27 -16.12 16.32
N SER A 94 -32.67 -16.31 17.49
CA SER A 94 -32.37 -17.65 18.00
C SER A 94 -32.71 -17.74 19.49
N PRO A 95 -34.01 -17.66 19.82
CA PRO A 95 -34.38 -17.57 21.24
C PRO A 95 -34.22 -18.87 22.02
N ASP A 96 -34.21 -20.01 21.34
CA ASP A 96 -34.25 -21.32 22.03
C ASP A 96 -33.06 -22.22 21.70
N ARG A 97 -32.07 -21.69 20.99
CA ARG A 97 -30.89 -22.46 20.60
C ARG A 97 -29.66 -21.56 20.61
N PRO A 98 -28.49 -22.14 20.88
CA PRO A 98 -27.24 -21.38 20.82
C PRO A 98 -26.96 -20.98 19.39
N PHE A 99 -26.17 -19.92 19.20
CA PHE A 99 -25.81 -19.47 17.87
C PHE A 99 -24.29 -19.37 17.75
N ASP A 100 -23.81 -19.26 16.51
CA ASP A 100 -22.38 -19.09 16.25
C ASP A 100 -22.06 -17.61 16.08
N LEU A 101 -20.81 -17.27 16.38
CA LEU A 101 -20.37 -15.89 16.31
C LEU A 101 -19.05 -15.79 15.59
N VAL A 102 -18.96 -14.88 14.64
CA VAL A 102 -17.70 -14.53 13.98
C VAL A 102 -17.53 -13.04 14.16
N ALA A 103 -16.35 -12.59 14.59
CA ALA A 103 -16.15 -11.17 14.79
C ALA A 103 -14.73 -10.76 14.40
N HIS A 104 -14.63 -9.54 13.87
CA HIS A 104 -13.39 -9.00 13.32
C HIS A 104 -13.10 -7.67 14.01
N ASP A 105 -11.85 -7.44 14.42
CA ASP A 105 -11.47 -6.10 14.88
C ASP A 105 -12.30 -5.72 16.11
N ILE A 106 -12.87 -4.51 16.16
CA ILE A 106 -13.60 -4.08 17.36
C ILE A 106 -14.89 -4.90 17.54
N GLY A 107 -15.25 -5.69 16.54
CA GLY A 107 -16.32 -6.68 16.71
C GLY A 107 -16.03 -7.62 17.88
N ILE A 108 -14.74 -7.86 18.12
CA ILE A 108 -14.30 -8.67 19.26
C ILE A 108 -14.59 -7.96 20.57
N TRP A 109 -14.20 -6.70 20.64
CA TRP A 109 -14.39 -5.90 21.83
C TRP A 109 -15.86 -5.90 22.22
N ASN A 110 -16.70 -5.78 21.21
CA ASN A 110 -18.13 -5.60 21.40
C ASN A 110 -18.93 -6.89 21.56
N THR A 111 -18.24 -8.03 21.56
CA THR A 111 -18.94 -9.30 21.71
C THR A 111 -18.38 -10.13 22.85
N TYR A 112 -17.10 -9.94 23.17
CA TYR A 112 -16.50 -10.80 24.18
C TYR A 112 -17.32 -10.85 25.49
N PRO A 113 -17.79 -9.69 26.01
CA PRO A 113 -18.54 -9.77 27.26
C PRO A 113 -19.82 -10.60 27.17
N MET A 114 -20.56 -10.53 26.07
CA MET A 114 -21.79 -11.33 25.99
C MET A 114 -21.49 -12.82 25.82
N VAL A 115 -20.34 -13.13 25.23
CA VAL A 115 -19.94 -14.54 25.11
C VAL A 115 -19.62 -15.11 26.49
N VAL A 116 -18.85 -14.36 27.26
CA VAL A 116 -18.42 -14.87 28.57
C VAL A 116 -19.58 -14.89 29.58
N LYS A 117 -20.51 -13.95 29.45
CA LYS A 117 -21.64 -13.87 30.38
C LYS A 117 -22.79 -14.81 30.01
N ASN A 118 -22.72 -15.36 28.80
CA ASN A 118 -23.80 -16.19 28.27
C ASN A 118 -23.26 -17.38 27.48
N GLN A 119 -22.35 -18.13 28.10
CA GLN A 119 -21.63 -19.16 27.37
C GLN A 119 -22.53 -20.19 26.71
N ALA A 120 -23.62 -20.54 27.37
CA ALA A 120 -24.53 -21.54 26.81
C ALA A 120 -25.22 -21.06 25.53
N ASP A 121 -25.23 -19.75 25.30
CA ASP A 121 -25.88 -19.18 24.11
C ASP A 121 -24.99 -19.23 22.87
N ILE A 122 -23.70 -19.47 23.08
CA ILE A 122 -22.70 -19.48 22.00
C ILE A 122 -22.22 -20.88 21.66
N ALA A 123 -22.56 -21.38 20.47
CA ALA A 123 -22.15 -22.73 20.09
C ALA A 123 -20.67 -22.80 19.72
N ARG A 124 -20.27 -21.93 18.81
CA ARG A 124 -18.90 -21.90 18.30
C ARG A 124 -18.54 -20.44 18.04
N LEU A 125 -17.24 -20.14 18.09
CA LEU A 125 -16.77 -18.76 18.11
C LEU A 125 -15.56 -18.63 17.20
N VAL A 126 -15.56 -17.60 16.34
CA VAL A 126 -14.40 -17.27 15.52
C VAL A 126 -14.04 -15.78 15.71
N TYR A 127 -12.81 -15.53 16.14
CA TYR A 127 -12.32 -14.17 16.34
C TYR A 127 -11.11 -13.91 15.45
N MET A 128 -11.04 -12.71 14.86
CA MET A 128 -9.95 -12.38 13.95
C MET A 128 -9.48 -10.93 14.05
N GLN A 129 -8.16 -10.75 14.12
CA GLN A 129 -7.53 -9.44 13.95
C GLN A 129 -7.94 -8.34 14.93
N ALA A 130 -7.76 -8.61 16.22
CA ALA A 130 -7.77 -7.58 17.24
C ALA A 130 -7.53 -8.23 18.59
N PRO A 131 -6.87 -7.52 19.49
CA PRO A 131 -6.75 -8.02 20.86
C PRO A 131 -8.10 -7.93 21.56
N ILE A 132 -8.42 -8.93 22.36
CA ILE A 132 -9.44 -8.75 23.37
C ILE A 132 -8.90 -7.66 24.29
N PRO A 133 -9.74 -6.68 24.66
CA PRO A 133 -9.17 -5.63 25.51
C PRO A 133 -8.70 -6.16 26.87
N ASP A 134 -7.39 -6.08 27.12
CA ASP A 134 -6.82 -6.44 28.41
C ASP A 134 -5.44 -5.79 28.56
N ALA A 135 -4.72 -6.12 29.62
CA ALA A 135 -3.43 -5.47 29.88
C ALA A 135 -2.41 -5.58 28.73
N ARG A 136 -2.56 -6.61 27.89
CA ARG A 136 -1.64 -6.82 26.78
C ARG A 136 -1.57 -5.62 25.83
N ILE A 137 -2.67 -4.89 25.67
CA ILE A 137 -2.69 -3.76 24.76
C ILE A 137 -1.72 -2.65 25.17
N TYR A 138 -1.37 -2.59 26.45
CA TYR A 138 -0.45 -1.58 26.94
C TYR A 138 0.99 -1.94 26.62
N ARG A 139 1.18 -3.12 26.04
CA ARG A 139 2.54 -3.58 25.71
C ARG A 139 2.94 -3.32 24.26
N PHE A 140 1.97 -2.99 23.41
CA PHE A 140 2.27 -2.74 21.98
C PHE A 140 3.09 -1.46 21.86
N PRO A 141 4.03 -1.42 20.92
CA PRO A 141 4.89 -0.24 20.76
C PRO A 141 4.24 0.90 20.01
N ALA A 142 4.59 2.14 20.40
CA ALA A 142 4.14 3.33 19.70
C ALA A 142 4.79 3.48 18.33
N PHE A 143 6.00 2.96 18.19
CA PHE A 143 6.82 3.24 17.01
C PHE A 143 7.76 2.08 16.75
N THR A 144 7.82 1.61 15.51
CA THR A 144 8.60 0.41 15.22
C THR A 144 9.77 0.69 14.27
N ALA A 145 10.77 -0.18 14.32
CA ALA A 145 11.99 -0.05 13.54
C ALA A 145 11.72 -0.37 12.09
N GLN A 146 10.84 -1.36 11.89
CA GLN A 146 10.47 -1.81 10.55
C GLN A 146 8.95 -1.83 10.48
N GLY A 147 8.42 -1.60 9.29
CA GLY A 147 6.98 -1.52 9.13
C GLY A 147 6.44 -0.37 9.96
N GLU A 148 5.22 -0.53 10.45
CA GLU A 148 4.55 0.52 11.21
C GLU A 148 3.85 -0.04 12.43
N SER A 149 3.84 0.75 13.51
CA SER A 149 3.14 0.39 14.73
C SER A 149 1.68 0.06 14.45
N LEU A 150 1.24 -1.11 14.89
CA LEU A 150 -0.11 -1.57 14.60
C LEU A 150 -1.20 -0.79 15.36
N VAL A 151 -0.90 -0.29 16.55
CA VAL A 151 -1.98 0.26 17.36
C VAL A 151 -1.75 1.66 17.87
N TRP A 152 -0.86 2.41 17.23
CA TRP A 152 -0.73 3.82 17.63
C TRP A 152 -2.05 4.55 17.44
N HIS A 153 -2.87 4.09 16.50
CA HIS A 153 -4.15 4.74 16.26
C HIS A 153 -5.07 4.69 17.49
N PHE A 154 -4.82 3.72 18.39
CA PHE A 154 -5.57 3.66 19.65
C PHE A 154 -5.51 5.00 20.35
N SER A 155 -4.31 5.55 20.50
CA SER A 155 -4.14 6.82 21.21
C SER A 155 -4.75 7.98 20.43
N PHE A 156 -4.58 7.95 19.11
CA PHE A 156 -5.09 9.00 18.23
C PHE A 156 -6.60 9.09 18.38
N PHE A 157 -7.25 7.94 18.27
CA PHE A 157 -8.70 7.87 18.32
C PHE A 157 -9.23 8.13 19.74
N ALA A 158 -8.44 7.77 20.74
CA ALA A 158 -8.91 7.96 22.12
C ALA A 158 -8.65 9.37 22.66
N ALA A 159 -7.84 10.15 21.94
CA ALA A 159 -7.43 11.47 22.46
C ALA A 159 -8.63 12.39 22.69
N ASP A 160 -8.55 13.24 23.70
CA ASP A 160 -9.68 14.09 24.02
C ASP A 160 -9.75 15.30 23.08
N ASP A 161 -10.62 16.26 23.40
CA ASP A 161 -10.85 17.42 22.54
C ASP A 161 -11.38 17.00 21.17
N ARG A 162 -11.91 15.79 21.06
CA ARG A 162 -12.36 15.27 19.76
C ARG A 162 -11.29 15.46 18.70
N LEU A 163 -10.04 15.23 19.09
CA LEU A 163 -8.90 15.43 18.19
C LEU A 163 -9.10 14.73 16.84
N ALA A 164 -9.40 13.44 16.86
CA ALA A 164 -9.53 12.69 15.60
C ALA A 164 -10.68 13.17 14.71
N GLU A 165 -11.88 13.38 15.26
CA GLU A 165 -12.98 13.87 14.42
C GLU A 165 -12.66 15.21 13.85
N THR A 166 -12.06 16.07 14.67
CA THR A 166 -11.78 17.44 14.24
C THR A 166 -10.79 17.48 13.08
N LEU A 167 -9.79 16.61 13.13
CA LEU A 167 -8.80 16.57 12.06
C LEU A 167 -9.33 15.83 10.83
N ILE A 168 -10.13 14.78 11.06
CA ILE A 168 -10.56 13.91 9.97
C ILE A 168 -11.83 14.40 9.25
N ALA A 169 -12.67 15.16 9.94
CA ALA A 169 -13.87 15.73 9.30
C ALA A 169 -13.50 16.44 7.99
N GLY A 170 -14.23 16.14 6.92
CA GLY A 170 -13.94 16.70 5.62
C GLY A 170 -12.87 15.95 4.84
N LYS A 171 -12.14 15.06 5.50
CA LYS A 171 -11.04 14.32 4.86
C LYS A 171 -11.20 12.82 5.11
N GLU A 172 -12.45 12.39 5.24
CA GLU A 172 -12.72 11.01 5.64
C GLU A 172 -12.27 10.00 4.58
N ARG A 173 -12.47 10.35 3.32
CA ARG A 173 -12.14 9.44 2.22
C ARG A 173 -10.61 9.27 2.13
N PHE A 174 -9.89 10.37 2.23
CA PHE A 174 -8.44 10.32 2.28
C PHE A 174 -7.95 9.49 3.48
N PHE A 175 -8.47 9.78 4.66
CA PHE A 175 -7.99 9.08 5.83
C PHE A 175 -8.24 7.56 5.76
N LEU A 176 -9.46 7.17 5.40
CA LEU A 176 -9.80 5.75 5.40
C LEU A 176 -8.97 4.95 4.39
N GLU A 177 -8.69 5.53 3.23
CA GLU A 177 -7.83 4.84 2.28
C GLU A 177 -6.44 4.65 2.91
N HIS A 178 -5.93 5.68 3.57
CA HIS A 178 -4.63 5.54 4.21
C HIS A 178 -4.64 4.49 5.32
N PHE A 179 -5.63 4.57 6.20
CA PHE A 179 -5.74 3.63 7.31
C PHE A 179 -5.86 2.20 6.79
N ILE A 180 -6.77 1.98 5.86
CA ILE A 180 -7.01 0.61 5.40
C ILE A 180 -5.76 0.04 4.72
N LYS A 181 -5.20 0.80 3.78
CA LYS A 181 -4.05 0.29 3.03
C LYS A 181 -2.80 0.14 3.90
N SER A 182 -2.61 1.01 4.89
CA SER A 182 -1.45 0.89 5.75
CA SER A 182 -1.47 0.91 5.77
C SER A 182 -1.52 -0.35 6.64
N HIS A 183 -2.72 -0.88 6.83
CA HIS A 183 -2.93 -2.08 7.64
C HIS A 183 -3.16 -3.31 6.76
N ALA A 184 -2.85 -3.18 5.48
CA ALA A 184 -3.10 -4.26 4.53
C ALA A 184 -1.82 -4.85 3.96
N SER A 185 -1.89 -6.12 3.56
CA SER A 185 -0.83 -6.76 2.78
C SER A 185 -1.20 -6.71 1.30
N ASN A 186 -2.40 -7.19 0.99
CA ASN A 186 -2.90 -7.18 -0.38
C ASN A 186 -3.72 -5.93 -0.65
N THR A 187 -3.06 -4.79 -0.88
CA THR A 187 -3.76 -3.52 -0.97
C THR A 187 -4.63 -3.42 -2.22
N GLU A 188 -4.32 -4.22 -3.23
CA GLU A 188 -4.99 -4.11 -4.52
CA GLU A 188 -4.99 -4.12 -4.51
C GLU A 188 -6.50 -4.36 -4.45
N VAL A 189 -6.96 -5.05 -3.40
CA VAL A 189 -8.38 -5.37 -3.30
C VAL A 189 -9.19 -4.14 -2.88
N PHE A 190 -8.53 -3.08 -2.44
CA PHE A 190 -9.25 -1.89 -2.05
C PHE A 190 -9.30 -0.87 -3.18
N SER A 191 -10.18 -1.16 -4.15
CA SER A 191 -10.42 -0.32 -5.31
C SER A 191 -10.94 1.00 -4.84
N GLU A 192 -10.78 2.04 -5.66
CA GLU A 192 -11.34 3.34 -5.32
C GLU A 192 -12.85 3.23 -5.11
N ARG A 193 -13.49 2.38 -5.92
CA ARG A 193 -14.94 2.15 -5.81
C ARG A 193 -15.35 1.60 -4.44
N LEU A 194 -14.62 0.61 -3.95
CA LEU A 194 -14.92 0.05 -2.63
C LEU A 194 -14.66 1.06 -1.51
N LEU A 195 -13.52 1.74 -1.57
CA LEU A 195 -13.19 2.75 -0.58
C LEU A 195 -14.25 3.87 -0.55
N ASP A 196 -14.80 4.24 -1.70
CA ASP A 196 -15.84 5.26 -1.76
C ASP A 196 -17.05 4.82 -0.92
N LEU A 197 -17.45 3.55 -1.08
CA LEU A 197 -18.59 3.00 -0.35
C LEU A 197 -18.35 3.08 1.15
N TYR A 198 -17.21 2.56 1.60
CA TYR A 198 -16.91 2.60 3.03
C TYR A 198 -16.76 4.02 3.58
N ALA A 199 -16.13 4.90 2.82
CA ALA A 199 -15.91 6.26 3.32
C ALA A 199 -17.23 7.03 3.45
N ARG A 200 -18.11 6.88 2.47
CA ARG A 200 -19.41 7.56 2.52
C ARG A 200 -20.17 7.19 3.79
N SER A 201 -20.04 5.96 4.23
CA SER A 201 -20.76 5.49 5.39
C SER A 201 -20.20 6.08 6.69
N TYR A 202 -18.88 6.00 6.87
CA TYR A 202 -18.33 6.45 8.14
C TYR A 202 -18.18 7.97 8.19
N ALA A 203 -18.37 8.63 7.05
CA ALA A 203 -18.34 10.10 6.99
C ALA A 203 -19.62 10.75 7.56
N LYS A 204 -20.69 9.98 7.76
CA LYS A 204 -21.84 10.52 8.49
C LYS A 204 -21.31 11.00 9.83
N PRO A 205 -21.61 12.25 10.21
CA PRO A 205 -21.04 12.82 11.44
C PRO A 205 -21.19 11.91 12.66
N HIS A 206 -22.38 11.34 12.87
CA HIS A 206 -22.58 10.50 14.04
C HIS A 206 -21.78 9.20 13.93
N SER A 207 -21.49 8.78 12.71
CA SER A 207 -20.72 7.55 12.50
C SER A 207 -19.22 7.80 12.71
N LEU A 208 -18.75 8.95 12.26
CA LEU A 208 -17.35 9.32 12.48
C LEU A 208 -17.12 9.39 13.99
N ASN A 209 -18.05 10.02 14.71
CA ASN A 209 -17.91 10.12 16.15
C ASN A 209 -18.02 8.76 16.84
N ALA A 210 -19.04 8.00 16.47
CA ALA A 210 -19.19 6.64 16.99
C ALA A 210 -17.91 5.81 16.83
N SER A 211 -17.31 5.86 15.64
CA SER A 211 -16.07 5.12 15.39
C SER A 211 -15.05 5.35 16.52
N PHE A 212 -14.81 6.62 16.86
CA PHE A 212 -13.79 6.94 17.86
C PHE A 212 -14.24 6.71 19.30
N GLU A 213 -15.55 6.77 19.54
CA GLU A 213 -16.07 6.50 20.88
C GLU A 213 -15.74 5.08 21.35
N TYR A 214 -15.63 4.14 20.41
CA TYR A 214 -15.23 2.77 20.75
C TYR A 214 -13.85 2.75 21.38
N TYR A 215 -12.96 3.59 20.87
CA TYR A 215 -11.60 3.67 21.37
C TYR A 215 -11.55 4.46 22.68
N ARG A 216 -12.41 5.47 22.79
CA ARG A 216 -12.49 6.26 24.03
C ARG A 216 -13.00 5.44 25.21
N ALA A 217 -13.70 4.35 24.92
CA ALA A 217 -14.18 3.45 25.95
C ALA A 217 -13.24 2.25 26.15
N LEU A 218 -12.13 2.20 25.42
CA LEU A 218 -11.26 1.03 25.44
C LEU A 218 -10.68 0.72 26.82
N ASN A 219 -10.21 1.73 27.54
CA ASN A 219 -9.71 1.50 28.91
C ASN A 219 -10.79 0.98 29.84
N GLU A 220 -12.02 1.47 29.67
CA GLU A 220 -13.16 0.95 30.42
C GLU A 220 -13.40 -0.51 30.07
N SER A 221 -13.35 -0.85 28.79
CA SER A 221 -13.49 -2.24 28.36
C SER A 221 -12.42 -3.14 28.99
N VAL A 222 -11.18 -2.66 29.04
CA VAL A 222 -10.12 -3.42 29.71
C VAL A 222 -10.48 -3.68 31.17
N ARG A 223 -10.95 -2.65 31.86
CA ARG A 223 -11.32 -2.80 33.26
C ARG A 223 -12.47 -3.78 33.43
N GLN A 224 -13.46 -3.72 32.54
CA GLN A 224 -14.57 -4.68 32.53
C GLN A 224 -14.04 -6.10 32.37
N ASN A 225 -13.16 -6.29 31.40
CA ASN A 225 -12.69 -7.62 31.05
C ASN A 225 -11.79 -8.26 32.11
N ALA A 226 -11.15 -7.44 32.93
CA ALA A 226 -10.30 -7.95 33.99
C ALA A 226 -11.11 -8.81 34.95
N GLU A 227 -12.35 -8.38 35.21
CA GLU A 227 -13.28 -9.14 36.03
C GLU A 227 -13.91 -10.31 35.26
N LEU A 228 -14.32 -10.06 34.02
CA LEU A 228 -15.00 -11.08 33.23
C LEU A 228 -14.10 -12.27 32.91
N ALA A 229 -12.81 -12.03 32.75
CA ALA A 229 -11.89 -13.07 32.31
C ALA A 229 -11.56 -14.09 33.39
N LYS A 230 -12.08 -13.89 34.60
CA LYS A 230 -11.90 -14.88 35.66
C LYS A 230 -12.61 -16.20 35.31
N THR A 231 -13.47 -16.15 34.30
CA THR A 231 -14.15 -17.34 33.81
C THR A 231 -13.68 -17.61 32.38
N ARG A 232 -13.11 -18.79 32.15
CA ARG A 232 -12.61 -19.17 30.83
C ARG A 232 -13.72 -19.60 29.88
N LEU A 233 -13.52 -19.37 28.58
CA LEU A 233 -14.49 -19.76 27.57
C LEU A 233 -14.42 -21.26 27.32
N GLN A 234 -15.58 -21.91 27.28
CA GLN A 234 -15.65 -23.36 27.17
C GLN A 234 -15.98 -23.92 25.77
N MET A 235 -16.49 -23.06 24.89
CA MET A 235 -16.96 -23.51 23.58
C MET A 235 -15.82 -23.57 22.56
N PRO A 236 -15.96 -24.41 21.52
CA PRO A 236 -14.89 -24.45 20.51
C PRO A 236 -14.69 -23.06 19.89
N THR A 237 -13.43 -22.64 19.84
CA THR A 237 -13.08 -21.34 19.34
C THR A 237 -11.99 -21.45 18.27
N MET A 238 -12.06 -20.58 17.26
CA MET A 238 -10.99 -20.47 16.28
C MET A 238 -10.52 -19.02 16.19
N THR A 239 -9.21 -18.79 16.12
CA THR A 239 -8.71 -17.46 15.81
C THR A 239 -8.11 -17.43 14.42
N LEU A 240 -8.27 -16.31 13.73
CA LEU A 240 -7.57 -16.05 12.48
C LEU A 240 -6.78 -14.75 12.58
N ALA A 241 -5.62 -14.72 11.95
CA ALA A 241 -4.79 -13.52 11.90
C ALA A 241 -4.03 -13.49 10.58
N GLY A 242 -3.76 -12.29 10.08
CA GLY A 242 -2.89 -12.17 8.93
C GLY A 242 -1.43 -12.29 9.36
N GLY A 243 -0.61 -12.88 8.49
CA GLY A 243 0.82 -12.99 8.73
C GLY A 243 1.58 -11.91 7.99
N GLY A 244 0.87 -11.18 7.14
CA GLY A 244 1.49 -10.15 6.32
C GLY A 244 1.45 -8.76 6.95
N HIS A 245 1.80 -7.75 6.17
CA HIS A 245 1.77 -6.38 6.69
C HIS A 245 0.42 -6.01 7.27
N GLY A 246 0.40 -5.55 8.51
CA GLY A 246 -0.84 -5.16 9.17
C GLY A 246 -1.47 -6.30 9.96
N GLY A 247 -0.92 -7.51 9.81
CA GLY A 247 -1.42 -8.68 10.52
C GLY A 247 -0.98 -8.77 11.97
N MET A 248 -1.84 -9.34 12.82
CA MET A 248 -1.53 -9.57 14.23
C MET A 248 -0.56 -10.75 14.46
N GLY A 249 -0.38 -11.59 13.43
CA GLY A 249 0.54 -12.72 13.54
C GLY A 249 0.16 -13.68 14.66
N THR A 250 1.16 -14.18 15.38
CA THR A 250 0.91 -15.15 16.44
C THR A 250 0.21 -14.61 17.69
N PHE A 251 0.12 -13.29 17.80
CA PHE A 251 -0.49 -12.71 19.00
C PHE A 251 -1.94 -13.17 19.18
N GLN A 252 -2.68 -13.26 18.08
CA GLN A 252 -4.11 -13.57 18.15
C GLN A 252 -4.37 -14.89 18.90
N LEU A 253 -3.74 -15.97 18.46
CA LEU A 253 -3.87 -17.26 19.12
C LEU A 253 -3.30 -17.24 20.53
N GLU A 254 -2.12 -16.65 20.69
CA GLU A 254 -1.46 -16.68 22.00
C GLU A 254 -2.27 -16.00 23.10
N GLN A 255 -2.89 -14.87 22.79
CA GLN A 255 -3.78 -14.22 23.75
C GLN A 255 -5.03 -15.07 23.99
N MET A 256 -5.59 -15.62 22.91
CA MET A 256 -6.80 -16.44 23.04
C MET A 256 -6.62 -17.66 23.94
N LYS A 257 -5.42 -18.23 23.94
CA LYS A 257 -5.15 -19.40 24.78
C LYS A 257 -5.37 -19.07 26.27
N ALA A 258 -5.17 -17.81 26.64
CA ALA A 258 -5.42 -17.38 28.01
C ALA A 258 -6.91 -17.32 28.32
N TYR A 259 -7.74 -17.26 27.27
CA TYR A 259 -9.17 -17.08 27.44
C TYR A 259 -10.00 -18.34 27.22
N ALA A 260 -9.53 -19.23 26.34
CA ALA A 260 -10.35 -20.36 25.92
C ALA A 260 -9.70 -21.72 26.19
N GLU A 261 -10.52 -22.69 26.58
CA GLU A 261 -10.04 -24.04 26.84
C GLU A 261 -9.81 -24.81 25.53
N ASP A 262 -10.60 -24.48 24.53
CA ASP A 262 -10.63 -25.22 23.26
C ASP A 262 -10.43 -24.20 22.14
N VAL A 263 -9.19 -24.04 21.69
CA VAL A 263 -8.91 -23.06 20.64
C VAL A 263 -7.90 -23.58 19.63
N GLU A 264 -8.16 -23.28 18.36
CA GLU A 264 -7.17 -23.53 17.33
C GLU A 264 -6.99 -22.21 16.60
N GLY A 265 -5.78 -21.94 16.14
CA GLY A 265 -5.48 -20.68 15.48
C GLY A 265 -4.82 -20.86 14.13
N HIS A 266 -5.02 -19.89 13.25
CA HIS A 266 -4.35 -19.87 11.96
C HIS A 266 -3.81 -18.47 11.69
N VAL A 267 -2.62 -18.44 11.11
CA VAL A 267 -2.03 -17.22 10.58
C VAL A 267 -1.98 -17.34 9.05
N LEU A 268 -2.60 -16.40 8.36
CA LEU A 268 -2.72 -16.49 6.91
C LEU A 268 -1.61 -15.67 6.25
N PRO A 269 -0.68 -16.35 5.57
CA PRO A 269 0.49 -15.69 4.97
C PRO A 269 0.07 -14.77 3.85
N GLY A 270 0.74 -13.61 3.74
CA GLY A 270 0.47 -12.67 2.67
C GLY A 270 -0.86 -11.94 2.84
N CYS A 271 -1.38 -11.94 4.06
CA CYS A 271 -2.65 -11.25 4.35
C CYS A 271 -2.45 -10.36 5.56
N GLY A 272 -3.05 -9.17 5.50
CA GLY A 272 -2.93 -8.19 6.57
C GLY A 272 -4.11 -8.19 7.50
N HIS A 273 -4.62 -7.00 7.81
CA HIS A 273 -5.72 -6.85 8.76
C HIS A 273 -7.08 -7.28 8.19
N TRP A 274 -7.30 -7.04 6.90
CA TRP A 274 -8.63 -7.11 6.30
C TRP A 274 -8.87 -8.47 5.65
N LEU A 275 -8.86 -9.53 6.46
CA LEU A 275 -8.91 -10.91 5.96
C LEU A 275 -10.03 -11.19 4.96
N PRO A 276 -11.26 -10.76 5.26
CA PRO A 276 -12.37 -11.14 4.36
C PRO A 276 -12.18 -10.62 2.94
N GLU A 277 -11.49 -9.51 2.78
CA GLU A 277 -11.29 -8.92 1.46
C GLU A 277 -9.93 -9.26 0.87
N GLU A 278 -8.88 -9.25 1.69
CA GLU A 278 -7.53 -9.52 1.20
C GLU A 278 -7.31 -10.99 0.86
N CYS A 279 -7.99 -11.86 1.58
CA CYS A 279 -7.72 -13.29 1.48
C CYS A 279 -9.02 -14.07 1.63
N ALA A 280 -9.97 -13.69 0.78
CA ALA A 280 -11.33 -14.22 0.80
C ALA A 280 -11.41 -15.76 0.71
N ALA A 281 -10.75 -16.35 -0.27
CA ALA A 281 -10.88 -17.78 -0.45
C ALA A 281 -10.40 -18.59 0.77
N PRO A 282 -9.15 -18.37 1.25
CA PRO A 282 -8.79 -19.23 2.38
C PRO A 282 -9.49 -18.85 3.68
N MET A 283 -9.79 -17.56 3.90
CA MET A 283 -10.53 -17.17 5.09
C MET A 283 -11.93 -17.77 5.12
N ASN A 284 -12.66 -17.64 4.01
CA ASN A 284 -14.03 -18.17 3.92
C ASN A 284 -14.03 -19.67 4.18
N ARG A 285 -13.08 -20.38 3.56
CA ARG A 285 -12.97 -21.82 3.74
C ARG A 285 -12.75 -22.17 5.21
N LEU A 286 -11.81 -21.51 5.86
CA LEU A 286 -11.52 -21.80 7.26
C LEU A 286 -12.74 -21.63 8.13
N VAL A 287 -13.49 -20.54 7.89
CA VAL A 287 -14.66 -20.22 8.69
C VAL A 287 -15.80 -21.21 8.46
N ILE A 288 -16.10 -21.49 7.18
CA ILE A 288 -17.20 -22.40 6.85
C ILE A 288 -16.91 -23.79 7.37
N ASP A 289 -15.67 -24.25 7.19
CA ASP A 289 -15.29 -25.59 7.66
C ASP A 289 -15.42 -25.67 9.18
N PHE A 290 -14.95 -24.64 9.87
CA PHE A 290 -14.98 -24.66 11.33
C PHE A 290 -16.41 -24.67 11.87
N LEU A 291 -17.26 -23.81 11.31
CA LEU A 291 -18.63 -23.74 11.77
C LEU A 291 -19.43 -24.96 11.37
N SER A 292 -19.00 -25.63 10.30
CA SER A 292 -19.73 -26.78 9.80
C SER A 292 -19.45 -28.05 10.59
N ARG A 293 -18.53 -27.98 11.54
CA ARG A 293 -18.31 -29.09 12.46
C ARG A 293 -19.53 -29.29 13.35
N GLY A 294 -20.35 -28.25 13.49
CA GLY A 294 -21.59 -28.34 14.23
C GLY A 294 -22.74 -28.74 13.32
N ARG A 295 -23.91 -29.01 13.90
CA ARG A 295 -25.08 -29.37 13.10
C ARG A 295 -25.61 -28.16 12.31
N HIS A 296 -25.86 -28.36 11.03
CA HIS A 296 -26.28 -27.27 10.15
C HIS A 296 -27.31 -27.74 9.12
N ALA B 1 10.38 40.98 7.96
CA ALA B 1 9.59 40.91 9.19
C ALA B 1 10.11 39.82 10.11
N GLU B 2 9.57 39.77 11.32
CA GLU B 2 9.94 38.75 12.29
C GLU B 2 8.71 37.98 12.75
N GLU B 3 8.82 36.67 12.83
CA GLU B 3 7.72 35.86 13.34
C GLU B 3 7.56 36.01 14.84
N PHE B 4 8.66 36.31 15.53
CA PHE B 4 8.64 36.48 16.99
C PHE B 4 9.47 37.69 17.39
N PRO B 5 9.12 38.34 18.52
CA PRO B 5 9.82 39.54 18.98
C PRO B 5 11.23 39.26 19.45
N VAL B 6 12.21 40.02 18.95
CA VAL B 6 13.60 39.88 19.36
C VAL B 6 13.83 40.60 20.69
N PRO B 7 14.49 39.94 21.65
CA PRO B 7 14.81 40.59 22.93
C PRO B 7 15.79 41.76 22.74
N ASN B 8 15.71 42.72 23.66
CA ASN B 8 16.59 43.89 23.63
C ASN B 8 18.04 43.46 23.60
N GLY B 9 18.83 44.06 22.70
CA GLY B 9 20.25 43.78 22.62
C GLY B 9 20.60 42.54 21.81
N PHE B 10 19.60 41.93 21.20
CA PHE B 10 19.85 40.79 20.32
C PHE B 10 19.59 41.17 18.88
N GLU B 11 20.14 40.42 17.95
CA GLU B 11 19.88 40.67 16.55
C GLU B 11 19.37 39.41 15.84
N SER B 12 18.37 39.62 14.99
CA SER B 12 17.89 38.57 14.10
C SER B 12 18.68 38.65 12.80
N ALA B 13 19.33 37.55 12.42
CA ALA B 13 20.18 37.56 11.24
C ALA B 13 20.14 36.23 10.49
N TYR B 14 20.83 36.18 9.35
CA TYR B 14 20.89 34.96 8.55
C TYR B 14 22.32 34.65 8.12
N ARG B 15 22.62 33.36 7.99
CA ARG B 15 23.88 32.92 7.41
C ARG B 15 23.62 31.78 6.45
N GLU B 16 24.30 31.80 5.31
CA GLU B 16 24.25 30.67 4.39
C GLU B 16 25.18 29.58 4.88
N VAL B 17 24.64 28.37 5.03
CA VAL B 17 25.45 27.20 5.39
C VAL B 17 25.19 26.07 4.39
N ASP B 18 26.23 25.68 3.66
CA ASP B 18 26.07 24.69 2.60
C ASP B 18 24.85 24.98 1.72
N GLY B 19 24.73 26.23 1.28
CA GLY B 19 23.67 26.62 0.37
C GLY B 19 22.29 26.73 0.99
N VAL B 20 22.23 26.63 2.31
CA VAL B 20 20.95 26.75 3.02
C VAL B 20 20.95 27.99 3.91
N LYS B 21 19.93 28.84 3.77
CA LYS B 21 19.90 30.08 4.50
C LYS B 21 19.26 29.88 5.87
N LEU B 22 20.09 29.93 6.91
CA LEU B 22 19.66 29.68 8.27
C LEU B 22 19.40 30.99 9.01
N HIS B 23 18.26 31.04 9.70
CA HIS B 23 17.91 32.16 10.57
C HIS B 23 18.34 31.88 12.00
N TYR B 24 18.82 32.92 12.68
CA TYR B 24 19.15 32.82 14.10
C TYR B 24 18.99 34.16 14.80
N VAL B 25 18.89 34.12 16.12
CA VAL B 25 18.88 35.32 16.94
C VAL B 25 20.11 35.25 17.83
N LYS B 26 20.90 36.32 17.86
CA LYS B 26 22.20 36.30 18.51
C LYS B 26 22.39 37.53 19.39
N GLY B 27 23.00 37.33 20.56
CA GLY B 27 23.34 38.42 21.45
C GLY B 27 24.41 38.03 22.45
N GLY B 28 24.93 39.02 23.17
CA GLY B 28 25.84 38.75 24.27
C GLY B 28 27.31 38.78 23.85
N GLN B 29 28.18 38.54 24.82
CA GLN B 29 29.61 38.52 24.58
C GLN B 29 30.19 37.41 25.42
N GLY B 30 31.27 36.80 24.95
CA GLY B 30 31.91 35.69 25.65
C GLY B 30 31.95 34.44 24.80
N PRO B 31 32.25 33.29 25.42
CA PRO B 31 32.23 32.00 24.72
C PRO B 31 30.85 31.73 24.16
N LEU B 32 30.76 30.95 23.10
CA LEU B 32 29.52 30.74 22.39
C LEU B 32 28.68 29.66 23.05
N VAL B 33 27.39 29.95 23.21
CA VAL B 33 26.40 28.94 23.55
C VAL B 33 25.35 28.92 22.46
N MET B 34 25.18 27.74 21.84
CA MET B 34 24.10 27.55 20.87
C MET B 34 22.92 26.86 21.53
N LEU B 35 21.72 27.41 21.34
CA LEU B 35 20.48 26.87 21.91
C LEU B 35 19.61 26.37 20.78
N VAL B 36 19.21 25.11 20.82
CA VAL B 36 18.50 24.51 19.70
C VAL B 36 17.13 23.99 20.09
N HIS B 37 16.11 24.58 19.46
CA HIS B 37 14.71 24.29 19.75
C HIS B 37 14.24 22.95 19.20
N GLY B 38 12.99 22.60 19.48
CA GLY B 38 12.40 21.37 18.98
C GLY B 38 11.09 21.54 18.24
N PHE B 39 10.34 20.45 18.14
CA PHE B 39 9.09 20.44 17.38
C PHE B 39 8.01 21.37 17.94
N GLY B 40 7.29 22.04 17.04
CA GLY B 40 6.22 22.95 17.41
C GLY B 40 6.68 24.36 17.77
N GLN B 41 7.99 24.56 17.79
CA GLN B 41 8.55 25.81 18.27
C GLN B 41 9.64 26.30 17.36
N THR B 42 10.28 27.39 17.78
CA THR B 42 11.33 28.03 17.02
C THR B 42 12.35 28.52 18.03
N TRP B 43 13.29 29.35 17.59
CA TRP B 43 14.29 29.93 18.48
C TRP B 43 13.63 30.59 19.68
N TYR B 44 12.39 31.03 19.49
CA TYR B 44 11.70 31.85 20.48
C TYR B 44 11.46 31.12 21.81
N GLU B 45 11.53 29.80 21.82
CA GLU B 45 11.32 29.10 23.09
C GLU B 45 12.43 29.48 24.08
N TRP B 46 13.55 29.95 23.56
CA TRP B 46 14.67 30.34 24.39
C TRP B 46 14.69 31.82 24.79
N HIS B 47 13.66 32.58 24.45
CA HIS B 47 13.75 34.04 24.61
C HIS B 47 13.83 34.51 26.06
N GLN B 48 13.40 33.69 27.00
CA GLN B 48 13.52 34.05 28.42
C GLN B 48 14.91 33.75 28.96
N LEU B 49 15.53 32.69 28.44
CA LEU B 49 16.87 32.29 28.89
C LEU B 49 17.95 33.18 28.28
N MET B 50 17.71 33.64 27.05
CA MET B 50 18.74 34.32 26.27
C MET B 50 19.34 35.56 26.94
N PRO B 51 18.49 36.48 27.44
CA PRO B 51 19.02 37.68 28.11
C PRO B 51 19.89 37.37 29.34
N GLU B 52 19.48 36.41 30.15
CA GLU B 52 20.26 36.01 31.33
C GLU B 52 21.60 35.40 30.93
N LEU B 53 21.56 34.52 29.94
CA LEU B 53 22.77 33.83 29.49
C LEU B 53 23.73 34.80 28.80
N ALA B 54 23.18 35.82 28.14
CA ALA B 54 23.97 36.77 27.35
C ALA B 54 24.82 37.68 28.23
N LYS B 55 24.57 37.66 29.53
CA LYS B 55 25.39 38.39 30.49
C LYS B 55 26.78 37.78 30.61
N ARG B 56 26.92 36.51 30.24
CA ARG B 56 28.18 35.79 30.43
C ARG B 56 28.68 35.11 29.16
N PHE B 57 27.81 34.93 28.19
CA PHE B 57 28.15 34.21 26.95
C PHE B 57 27.65 34.93 25.71
N THR B 58 28.24 34.59 24.57
CA THR B 58 27.64 34.93 23.28
C THR B 58 26.62 33.84 23.02
N VAL B 59 25.37 34.25 22.77
CA VAL B 59 24.28 33.29 22.67
C VAL B 59 23.68 33.30 21.29
N ILE B 60 23.65 32.14 20.66
CA ILE B 60 22.99 32.03 19.37
C ILE B 60 21.87 30.97 19.42
N ALA B 61 20.71 31.34 18.87
CA ALA B 61 19.55 30.45 18.79
C ALA B 61 19.03 30.35 17.36
N PRO B 62 19.39 29.28 16.65
CA PRO B 62 18.97 29.10 15.26
C PRO B 62 17.58 28.51 15.14
N ASP B 63 16.91 28.80 14.03
CA ASP B 63 15.74 28.03 13.65
C ASP B 63 16.22 26.77 12.92
N LEU B 64 15.68 25.61 13.28
CA LEU B 64 16.06 24.37 12.61
C LEU B 64 15.67 24.49 11.15
N PRO B 65 16.43 23.87 10.25
CA PRO B 65 16.12 23.90 8.83
C PRO B 65 14.66 23.60 8.54
N GLY B 66 14.03 24.47 7.74
CA GLY B 66 12.65 24.31 7.36
C GLY B 66 11.67 24.91 8.34
N LEU B 67 12.12 25.17 9.57
CA LEU B 67 11.24 25.71 10.61
C LEU B 67 11.61 27.16 10.89
N GLY B 68 10.70 27.87 11.56
CA GLY B 68 10.92 29.29 11.83
C GLY B 68 11.16 29.99 10.50
N GLN B 69 12.26 30.72 10.43
CA GLN B 69 12.61 31.47 9.23
C GLN B 69 13.82 30.88 8.50
N SER B 70 14.12 29.61 8.78
CA SER B 70 15.22 28.90 8.11
C SER B 70 14.73 28.13 6.89
N GLU B 71 15.53 28.13 5.82
CA GLU B 71 15.22 27.34 4.64
C GLU B 71 15.34 25.86 4.96
N PRO B 72 14.57 25.03 4.26
CA PRO B 72 14.68 23.57 4.40
C PRO B 72 16.09 23.11 4.08
N PRO B 73 16.49 21.95 4.61
CA PRO B 73 17.81 21.39 4.29
C PRO B 73 17.81 20.94 2.84
N LYS B 74 18.95 21.03 2.19
CA LYS B 74 19.07 20.62 0.80
C LYS B 74 19.61 19.19 0.72
N THR B 75 20.04 18.66 1.86
CA THR B 75 20.50 17.27 1.92
C THR B 75 19.37 16.37 2.41
N GLY B 76 18.96 16.52 3.68
CA GLY B 76 17.84 15.75 4.20
C GLY B 76 17.61 16.06 5.67
N TYR B 77 16.66 15.37 6.29
CA TYR B 77 16.23 15.66 7.66
C TYR B 77 16.76 14.66 8.70
N SER B 78 17.60 13.71 8.29
CA SER B 78 18.19 12.80 9.27
C SER B 78 19.13 13.57 10.20
N GLY B 79 19.36 13.02 11.38
CA GLY B 79 20.15 13.69 12.41
C GLY B 79 21.52 14.04 11.89
N GLU B 80 22.16 13.11 11.18
CA GLU B 80 23.52 13.40 10.70
C GLU B 80 23.57 14.53 9.69
N GLN B 81 22.55 14.60 8.83
CA GLN B 81 22.51 15.62 7.80
C GLN B 81 22.25 17.00 8.40
N VAL B 82 21.28 17.07 9.30
CA VAL B 82 20.91 18.35 9.90
C VAL B 82 22.03 18.86 10.79
N ALA B 83 22.67 17.94 11.50
CA ALA B 83 23.74 18.28 12.43
C ALA B 83 24.89 18.99 11.71
N VAL B 84 25.10 18.66 10.44
CA VAL B 84 26.14 19.37 9.68
C VAL B 84 25.87 20.89 9.63
N TYR B 85 24.62 21.26 9.36
CA TYR B 85 24.26 22.67 9.25
C TYR B 85 24.48 23.39 10.58
N LEU B 86 24.05 22.75 11.66
CA LEU B 86 24.16 23.34 12.99
C LEU B 86 25.62 23.44 13.43
N HIS B 87 26.40 22.40 13.12
CA HIS B 87 27.82 22.41 13.46
C HIS B 87 28.58 23.51 12.72
N LYS B 88 28.35 23.62 11.41
CA LYS B 88 29.02 24.64 10.63
C LYS B 88 28.56 26.04 11.01
N LEU B 89 27.28 26.20 11.33
CA LEU B 89 26.79 27.50 11.78
C LEU B 89 27.52 27.94 13.05
N ALA B 90 27.64 27.03 14.02
CA ALA B 90 28.33 27.33 15.27
C ALA B 90 29.78 27.71 15.04
N ARG B 91 30.45 26.96 14.18
CA ARG B 91 31.87 27.16 13.92
C ARG B 91 32.15 28.48 13.21
N GLN B 92 31.15 29.03 12.51
CA GLN B 92 31.30 30.34 11.92
C GLN B 92 31.52 31.39 13.00
N PHE B 93 30.87 31.18 14.13
CA PHE B 93 30.96 32.13 15.25
C PHE B 93 31.98 31.76 16.32
N SER B 94 32.37 30.49 16.39
CA SER B 94 33.34 30.05 17.39
C SER B 94 34.42 29.18 16.74
N PRO B 95 35.18 29.75 15.80
CA PRO B 95 36.15 28.94 15.05
C PRO B 95 37.35 28.48 15.89
N ASP B 96 37.63 29.20 16.98
CA ASP B 96 38.88 29.01 17.73
C ASP B 96 38.72 28.40 19.12
N ARG B 97 37.50 28.24 19.60
CA ARG B 97 37.27 27.64 20.90
C ARG B 97 36.08 26.68 20.82
N PRO B 98 36.00 25.73 21.75
CA PRO B 98 34.79 24.89 21.78
C PRO B 98 33.62 25.75 22.22
N PHE B 99 32.40 25.32 21.87
CA PHE B 99 31.22 26.05 22.27
C PHE B 99 30.33 25.15 23.10
N ASP B 100 29.39 25.76 23.82
CA ASP B 100 28.41 25.01 24.58
C ASP B 100 27.18 24.75 23.74
N LEU B 101 26.51 23.65 24.03
CA LEU B 101 25.28 23.30 23.32
C LEU B 101 24.16 22.98 24.28
N VAL B 102 23.00 23.59 24.05
CA VAL B 102 21.80 23.29 24.80
C VAL B 102 20.74 22.92 23.79
N ALA B 103 20.10 21.76 23.95
CA ALA B 103 19.09 21.36 22.97
C ALA B 103 17.87 20.75 23.62
N HIS B 104 16.71 21.00 23.01
CA HIS B 104 15.42 20.54 23.52
C HIS B 104 14.66 19.74 22.45
N ASP B 105 14.09 18.61 22.85
CA ASP B 105 13.24 17.83 21.96
C ASP B 105 14.06 17.37 20.74
N ILE B 106 13.53 17.55 19.52
CA ILE B 106 14.27 17.09 18.34
C ILE B 106 15.58 17.85 18.10
N GLY B 107 15.78 18.93 18.85
CA GLY B 107 17.07 19.61 18.89
C GLY B 107 18.18 18.63 19.23
N ILE B 108 17.85 17.67 20.08
CA ILE B 108 18.77 16.60 20.43
C ILE B 108 19.08 15.72 19.22
N TRP B 109 18.04 15.29 18.51
CA TRP B 109 18.20 14.45 17.33
C TRP B 109 19.12 15.12 16.32
N ASN B 110 18.94 16.42 16.18
CA ASN B 110 19.64 17.20 15.18
C ASN B 110 21.01 17.68 15.61
N THR B 111 21.44 17.32 16.82
CA THR B 111 22.76 17.74 17.26
C THR B 111 23.68 16.61 17.71
N TYR B 112 23.10 15.50 18.16
CA TYR B 112 23.91 14.43 18.73
C TYR B 112 25.04 13.96 17.79
N PRO B 113 24.73 13.76 16.50
CA PRO B 113 25.81 13.28 15.63
C PRO B 113 26.99 14.24 15.56
N MET B 114 26.76 15.55 15.57
CA MET B 114 27.89 16.47 15.45
C MET B 114 28.64 16.60 16.76
N VAL B 115 27.95 16.35 17.88
CA VAL B 115 28.64 16.32 19.16
C VAL B 115 29.60 15.13 19.21
N VAL B 116 29.11 13.94 18.86
CA VAL B 116 29.92 12.74 18.96
C VAL B 116 31.09 12.77 17.96
N LYS B 117 30.87 13.40 16.80
CA LYS B 117 31.89 13.43 15.77
C LYS B 117 32.87 14.61 15.89
N ASN B 118 32.54 15.59 16.73
CA ASN B 118 33.39 16.77 16.90
C ASN B 118 33.53 17.13 18.36
N GLN B 119 33.95 16.15 19.16
CA GLN B 119 33.95 16.32 20.62
C GLN B 119 34.81 17.48 21.10
N ALA B 120 35.95 17.70 20.44
CA ALA B 120 36.84 18.80 20.77
C ALA B 120 36.15 20.15 20.64
N ASP B 121 35.10 20.21 19.82
CA ASP B 121 34.37 21.47 19.59
C ASP B 121 33.29 21.75 20.62
N ILE B 122 32.99 20.78 21.49
CA ILE B 122 31.87 20.94 22.42
C ILE B 122 32.38 21.00 23.85
N ALA B 123 32.29 22.18 24.46
CA ALA B 123 32.80 22.36 25.81
C ALA B 123 31.90 21.67 26.83
N ARG B 124 30.61 21.99 26.77
CA ARG B 124 29.64 21.47 27.73
C ARG B 124 28.32 21.27 27.00
N LEU B 125 27.55 20.28 27.45
CA LEU B 125 26.34 19.83 26.76
C LEU B 125 25.15 19.77 27.71
N VAL B 126 24.02 20.33 27.27
CA VAL B 126 22.77 20.21 28.02
C VAL B 126 21.66 19.67 27.11
N TYR B 127 21.09 18.54 27.49
CA TYR B 127 20.06 17.90 26.68
C TYR B 127 18.80 17.78 27.50
N MET B 128 17.66 18.16 26.92
CA MET B 128 16.39 18.08 27.65
C MET B 128 15.21 17.58 26.82
N GLN B 129 14.48 16.62 27.39
CA GLN B 129 13.16 16.21 26.91
C GLN B 129 13.08 15.68 25.49
N ALA B 130 13.86 14.64 25.25
CA ALA B 130 13.65 13.73 24.13
C ALA B 130 14.73 12.66 24.16
N PRO B 131 14.39 11.45 23.72
CA PRO B 131 15.41 10.40 23.66
C PRO B 131 16.41 10.74 22.59
N ILE B 132 17.67 10.44 22.81
CA ILE B 132 18.59 10.32 21.68
C ILE B 132 18.04 9.16 20.81
N PRO B 133 17.97 9.34 19.48
CA PRO B 133 17.41 8.27 18.66
C PRO B 133 18.23 7.01 18.76
N ASP B 134 17.65 5.99 19.40
CA ASP B 134 18.27 4.68 19.52
C ASP B 134 17.18 3.64 19.77
N ALA B 135 17.58 2.40 20.00
CA ALA B 135 16.62 1.30 20.10
C ALA B 135 15.60 1.50 21.23
N ARG B 136 15.94 2.38 22.18
CA ARG B 136 15.05 2.62 23.31
C ARG B 136 13.69 3.15 22.89
N ILE B 137 13.65 3.90 21.80
CA ILE B 137 12.40 4.49 21.35
C ILE B 137 11.39 3.43 20.93
N TYR B 138 11.86 2.25 20.56
CA TYR B 138 10.96 1.17 20.16
C TYR B 138 10.27 0.50 21.36
N ARG B 139 10.60 0.94 22.56
CA ARG B 139 9.99 0.39 23.77
C ARG B 139 8.82 1.21 24.31
N PHE B 140 8.68 2.46 23.87
CA PHE B 140 7.59 3.29 24.38
C PHE B 140 6.23 2.71 23.94
N PRO B 141 5.24 2.72 24.85
CA PRO B 141 3.92 2.14 24.57
C PRO B 141 3.07 2.98 23.63
N ALA B 142 2.30 2.30 22.78
CA ALA B 142 1.34 2.94 21.90
C ALA B 142 0.17 3.59 22.64
N PHE B 143 -0.18 3.04 23.80
CA PHE B 143 -1.41 3.40 24.49
C PHE B 143 -1.23 3.05 25.95
N THR B 144 -1.82 3.87 26.83
CA THR B 144 -1.65 3.67 28.26
C THR B 144 -3.00 3.56 28.97
N ALA B 145 -2.97 2.95 30.16
CA ALA B 145 -4.18 2.77 30.93
C ALA B 145 -4.81 4.10 31.37
N GLN B 146 -4.13 5.20 31.06
CA GLN B 146 -4.65 6.55 31.34
C GLN B 146 -5.16 7.27 30.08
N GLY B 147 -4.86 6.70 28.92
CA GLY B 147 -5.24 7.30 27.65
C GLY B 147 -4.06 7.42 26.70
N GLU B 148 -4.03 8.50 25.91
CA GLU B 148 -2.97 8.66 24.92
C GLU B 148 -1.60 8.69 25.58
N SER B 149 -0.62 8.08 24.91
CA SER B 149 0.74 7.93 25.40
C SER B 149 1.63 9.09 24.95
N LEU B 150 2.88 9.09 25.40
CA LEU B 150 3.80 10.21 25.15
C LEU B 150 4.30 10.33 23.71
N VAL B 151 4.49 9.21 23.04
CA VAL B 151 5.10 9.28 21.71
C VAL B 151 4.36 8.57 20.57
N TRP B 152 3.06 8.39 20.70
CA TRP B 152 2.29 7.86 19.56
C TRP B 152 2.43 8.82 18.38
N HIS B 153 2.75 10.08 18.68
CA HIS B 153 2.91 11.05 17.61
C HIS B 153 4.09 10.74 16.67
N PHE B 154 5.06 9.95 17.15
CA PHE B 154 6.18 9.53 16.31
C PHE B 154 5.60 8.85 15.08
N SER B 155 4.62 7.97 15.31
CA SER B 155 4.03 7.22 14.21
C SER B 155 3.13 8.11 13.35
N PHE B 156 2.34 8.96 14.00
CA PHE B 156 1.47 9.90 13.29
C PHE B 156 2.30 10.75 12.32
N PHE B 157 3.39 11.29 12.84
CA PHE B 157 4.20 12.22 12.04
C PHE B 157 5.01 11.50 10.95
N ALA B 158 5.43 10.26 11.24
CA ALA B 158 6.24 9.48 10.30
C ALA B 158 5.44 8.82 9.18
N ALA B 159 4.13 8.72 9.37
CA ALA B 159 3.26 8.05 8.42
C ALA B 159 3.38 8.67 7.04
N ASP B 160 3.20 7.86 6.00
CA ASP B 160 3.29 8.36 4.63
C ASP B 160 1.98 8.99 4.15
N ASP B 161 1.84 9.16 2.84
CA ASP B 161 0.70 9.86 2.25
C ASP B 161 0.56 11.30 2.77
N ARG B 162 1.65 11.88 3.28
CA ARG B 162 1.54 13.17 3.97
C ARG B 162 0.34 13.18 4.91
N LEU B 163 0.20 12.10 5.68
CA LEU B 163 -0.94 11.96 6.58
C LEU B 163 -1.08 13.16 7.52
N ALA B 164 0.00 13.49 8.21
CA ALA B 164 -0.02 14.59 9.19
C ALA B 164 -0.33 15.95 8.55
N GLU B 165 0.37 16.31 7.47
CA GLU B 165 0.11 17.57 6.78
C GLU B 165 -1.35 17.66 6.31
N THR B 166 -1.86 16.55 5.81
CA THR B 166 -3.17 16.55 5.17
C THR B 166 -4.26 16.73 6.22
N LEU B 167 -4.13 16.04 7.35
CA LEU B 167 -5.11 16.17 8.42
C LEU B 167 -4.97 17.47 9.19
N ILE B 168 -3.75 17.99 9.29
CA ILE B 168 -3.53 19.15 10.15
C ILE B 168 -3.71 20.48 9.41
N ALA B 169 -3.51 20.48 8.10
CA ALA B 169 -3.69 21.72 7.33
C ALA B 169 -5.08 22.32 7.53
N GLY B 170 -5.13 23.60 7.87
CA GLY B 170 -6.40 24.27 8.12
C GLY B 170 -6.83 24.16 9.57
N LYS B 171 -6.14 23.30 10.32
CA LYS B 171 -6.40 23.10 11.73
C LYS B 171 -5.09 23.20 12.53
N GLU B 172 -4.15 24.01 12.04
CA GLU B 172 -2.81 24.04 12.61
C GLU B 172 -2.82 24.58 14.04
N ARG B 173 -3.53 25.66 14.26
CA ARG B 173 -3.66 26.26 15.59
C ARG B 173 -4.33 25.29 16.56
N PHE B 174 -5.43 24.66 16.12
CA PHE B 174 -6.10 23.64 16.93
C PHE B 174 -5.20 22.47 17.31
N PHE B 175 -4.51 21.91 16.32
CA PHE B 175 -3.63 20.77 16.61
C PHE B 175 -2.49 21.13 17.58
N LEU B 176 -1.84 22.26 17.33
CA LEU B 176 -0.67 22.63 18.12
C LEU B 176 -1.08 22.91 19.56
N GLU B 177 -2.21 23.59 19.77
CA GLU B 177 -2.68 23.81 21.13
C GLU B 177 -2.90 22.48 21.82
N HIS B 178 -3.50 21.52 21.12
CA HIS B 178 -3.75 20.23 21.73
C HIS B 178 -2.47 19.49 22.04
N PHE B 179 -1.53 19.51 21.10
CA PHE B 179 -0.25 18.82 21.27
C PHE B 179 0.54 19.39 22.43
N ILE B 180 0.65 20.72 22.47
CA ILE B 180 1.40 21.37 23.53
C ILE B 180 0.75 21.07 24.88
N LYS B 181 -0.54 21.35 25.00
CA LYS B 181 -1.20 21.15 26.29
C LYS B 181 -1.22 19.68 26.75
N SER B 182 -1.30 18.75 25.79
CA SER B 182 -1.32 17.33 26.14
C SER B 182 0.04 16.83 26.60
N HIS B 183 1.10 17.57 26.30
CA HIS B 183 2.44 17.22 26.75
C HIS B 183 2.92 18.17 27.85
N ALA B 184 1.98 18.96 28.38
CA ALA B 184 2.31 19.92 29.43
C ALA B 184 1.73 19.57 30.81
N SER B 185 2.41 20.08 31.83
CA SER B 185 1.91 20.07 33.20
CA SER B 185 1.88 20.07 33.18
C SER B 185 1.26 21.42 33.48
N ASN B 186 1.98 22.47 33.11
CA ASN B 186 1.53 23.84 33.32
C ASN B 186 1.05 24.45 32.02
N THR B 187 -0.23 24.29 31.71
CA THR B 187 -0.78 24.82 30.46
C THR B 187 -0.97 26.34 30.47
N GLU B 188 -1.14 26.92 31.66
CA GLU B 188 -1.46 28.34 31.77
C GLU B 188 -0.40 29.21 31.12
N VAL B 189 0.83 28.71 31.05
CA VAL B 189 1.94 29.52 30.53
C VAL B 189 1.81 29.73 29.03
N PHE B 190 0.92 28.97 28.39
CA PHE B 190 0.70 29.12 26.95
C PHE B 190 -0.51 29.98 26.65
N SER B 191 -0.28 31.28 26.62
CA SER B 191 -1.33 32.24 26.30
C SER B 191 -1.85 32.01 24.89
N GLU B 192 -3.07 32.49 24.61
CA GLU B 192 -3.62 32.40 23.26
C GLU B 192 -2.73 33.17 22.27
N ARG B 193 -2.07 34.21 22.76
CA ARG B 193 -1.16 34.99 21.93
C ARG B 193 0.12 34.20 21.59
N LEU B 194 0.67 33.50 22.58
CA LEU B 194 1.85 32.68 22.33
C LEU B 194 1.55 31.55 21.36
N LEU B 195 0.40 30.89 21.55
CA LEU B 195 0.00 29.81 20.66
C LEU B 195 -0.21 30.31 19.22
N ASP B 196 -0.77 31.51 19.09
CA ASP B 196 -0.99 32.12 17.78
C ASP B 196 0.33 32.24 17.02
N LEU B 197 1.34 32.75 17.71
CA LEU B 197 2.67 32.94 17.15
C LEU B 197 3.30 31.64 16.68
N TYR B 198 3.26 30.62 17.54
CA TYR B 198 3.84 29.34 17.19
C TYR B 198 3.06 28.68 16.05
N ALA B 199 1.73 28.74 16.12
CA ALA B 199 0.90 28.13 15.09
C ALA B 199 1.11 28.79 13.73
N ARG B 200 1.16 30.12 13.67
CA ARG B 200 1.41 30.79 12.39
C ARG B 200 2.75 30.38 11.78
N SER B 201 3.76 30.21 12.61
CA SER B 201 5.08 29.87 12.10
C SER B 201 5.08 28.46 11.47
N TYR B 202 4.62 27.47 12.22
CA TYR B 202 4.70 26.11 11.70
C TYR B 202 3.63 25.78 10.65
N ALA B 203 2.68 26.70 10.47
CA ALA B 203 1.62 26.49 9.48
C ALA B 203 2.09 26.85 8.08
N LYS B 204 3.20 27.57 7.97
CA LYS B 204 3.80 27.77 6.65
C LYS B 204 3.94 26.40 5.99
N PRO B 205 3.44 26.24 4.77
CA PRO B 205 3.41 24.90 4.19
C PRO B 205 4.77 24.19 4.23
N HIS B 206 5.86 24.88 3.92
CA HIS B 206 7.14 24.19 3.95
C HIS B 206 7.56 23.84 5.38
N SER B 207 7.06 24.61 6.36
CA SER B 207 7.40 24.35 7.76
C SER B 207 6.54 23.21 8.35
N LEU B 208 5.28 23.15 7.94
CA LEU B 208 4.43 22.06 8.37
C LEU B 208 5.03 20.74 7.85
N ASN B 209 5.43 20.73 6.58
CA ASN B 209 6.11 19.56 6.05
C ASN B 209 7.43 19.27 6.76
N ALA B 210 8.27 20.30 6.91
CA ALA B 210 9.56 20.13 7.58
C ALA B 210 9.39 19.48 8.96
N SER B 211 8.38 19.95 9.69
CA SER B 211 8.11 19.45 11.04
C SER B 211 8.06 17.93 11.08
N PHE B 212 7.35 17.35 10.11
CA PHE B 212 7.13 15.91 10.13
C PHE B 212 8.24 15.14 9.44
N GLU B 213 8.99 15.81 8.56
CA GLU B 213 10.10 15.15 7.87
C GLU B 213 11.18 14.75 8.86
N TYR B 214 11.32 15.50 9.95
CA TYR B 214 12.24 15.10 11.00
C TYR B 214 11.86 13.72 11.54
N TYR B 215 10.56 13.46 11.61
CA TYR B 215 10.06 12.19 12.14
C TYR B 215 10.14 11.09 11.10
N ARG B 216 9.93 11.45 9.84
CA ARG B 216 10.04 10.49 8.76
C ARG B 216 11.48 10.00 8.60
N ALA B 217 12.43 10.77 9.11
CA ALA B 217 13.84 10.37 9.11
C ALA B 217 14.29 9.72 10.40
N LEU B 218 13.38 9.55 11.36
CA LEU B 218 13.76 9.06 12.68
C LEU B 218 14.42 7.68 12.67
N ASN B 219 13.86 6.73 11.92
CA ASN B 219 14.44 5.38 11.86
C ASN B 219 15.82 5.43 11.23
N GLU B 220 15.98 6.30 10.25
CA GLU B 220 17.29 6.50 9.64
C GLU B 220 18.27 7.07 10.67
N SER B 221 17.80 8.02 11.47
CA SER B 221 18.66 8.59 12.51
C SER B 221 19.07 7.51 13.53
N VAL B 222 18.12 6.67 13.92
CA VAL B 222 18.42 5.55 14.82
C VAL B 222 19.51 4.66 14.23
N ARG B 223 19.41 4.35 12.94
CA ARG B 223 20.44 3.51 12.32
C ARG B 223 21.78 4.22 12.25
N GLN B 224 21.77 5.52 11.95
CA GLN B 224 23.01 6.29 11.94
C GLN B 224 23.66 6.28 13.32
N ASN B 225 22.85 6.48 14.35
CA ASN B 225 23.35 6.56 15.71
C ASN B 225 23.93 5.25 16.24
N ALA B 226 23.46 4.13 15.68
CA ALA B 226 23.95 2.82 16.08
C ALA B 226 25.43 2.66 15.81
N GLU B 227 25.93 3.36 14.79
CA GLU B 227 27.37 3.40 14.51
C GLU B 227 28.08 4.46 15.38
N LEU B 228 27.52 5.66 15.40
CA LEU B 228 28.12 6.78 16.14
C LEU B 228 28.34 6.49 17.62
N ALA B 229 27.42 5.72 18.21
CA ALA B 229 27.39 5.53 19.66
C ALA B 229 28.54 4.67 20.18
N LYS B 230 29.29 4.05 19.27
CA LYS B 230 30.45 3.27 19.65
C LYS B 230 31.48 4.18 20.31
N THR B 231 31.36 5.49 20.05
CA THR B 231 32.23 6.48 20.68
C THR B 231 31.48 7.27 21.77
N ARG B 232 31.95 7.13 23.00
CA ARG B 232 31.32 7.75 24.16
C ARG B 232 31.59 9.26 24.24
N LEU B 233 30.65 10.00 24.82
CA LEU B 233 30.82 11.44 25.02
C LEU B 233 31.66 11.71 26.26
N GLN B 234 32.65 12.59 26.13
CA GLN B 234 33.61 12.83 27.20
C GLN B 234 33.47 14.18 27.90
N MET B 235 32.69 15.10 27.32
CA MET B 235 32.54 16.44 27.90
C MET B 235 31.51 16.48 29.04
N PRO B 236 31.59 17.49 29.93
CA PRO B 236 30.59 17.61 30.99
C PRO B 236 29.19 17.75 30.38
N THR B 237 28.26 16.94 30.86
CA THR B 237 26.91 16.86 30.31
C THR B 237 25.90 17.00 31.42
N MET B 238 24.80 17.71 31.15
CA MET B 238 23.67 17.76 32.08
C MET B 238 22.39 17.42 31.32
N THR B 239 21.54 16.59 31.91
CA THR B 239 20.20 16.36 31.37
C THR B 239 19.15 17.00 32.26
N LEU B 240 18.07 17.46 31.65
CA LEU B 240 16.92 17.97 32.39
C LEU B 240 15.66 17.33 31.82
N ALA B 241 14.70 17.07 32.69
CA ALA B 241 13.44 16.45 32.30
C ALA B 241 12.38 16.88 33.29
N GLY B 242 11.13 16.93 32.82
CA GLY B 242 10.00 17.18 33.69
C GLY B 242 9.58 15.93 34.44
N GLY B 243 9.12 16.12 35.68
CA GLY B 243 8.58 15.03 36.48
C GLY B 243 7.08 14.97 36.40
N GLY B 244 6.47 15.96 35.76
CA GLY B 244 5.02 16.03 35.67
C GLY B 244 4.42 15.45 34.40
N HIS B 245 3.13 15.67 34.20
CA HIS B 245 2.46 15.19 32.98
C HIS B 245 3.19 15.70 31.76
N GLY B 246 3.56 14.79 30.86
CA GLY B 246 4.26 15.14 29.64
C GLY B 246 5.78 14.99 29.74
N GLY B 247 6.27 14.74 30.94
CA GLY B 247 7.71 14.68 31.14
C GLY B 247 8.33 13.30 30.93
N MET B 248 9.61 13.29 30.58
CA MET B 248 10.36 12.05 30.36
C MET B 248 10.81 11.40 31.68
N GLY B 249 10.71 12.13 32.80
CA GLY B 249 11.10 11.57 34.07
C GLY B 249 12.56 11.13 34.10
N THR B 250 12.82 9.97 34.70
CA THR B 250 14.18 9.47 34.85
C THR B 250 14.78 8.95 33.54
N PHE B 251 13.96 8.82 32.50
CA PHE B 251 14.45 8.31 31.23
C PHE B 251 15.63 9.12 30.70
N GLN B 252 15.53 10.44 30.77
CA GLN B 252 16.53 11.30 30.16
C GLN B 252 17.93 11.01 30.69
N LEU B 253 18.09 11.00 32.00
CA LEU B 253 19.40 10.77 32.61
C LEU B 253 19.85 9.32 32.41
N GLU B 254 18.93 8.39 32.56
CA GLU B 254 19.26 6.98 32.46
C GLU B 254 19.79 6.62 31.06
N GLN B 255 19.14 7.14 30.02
CA GLN B 255 19.68 6.95 28.66
C GLN B 255 21.05 7.61 28.51
N MET B 256 21.18 8.83 29.03
CA MET B 256 22.41 9.60 28.84
C MET B 256 23.61 8.93 29.50
N LYS B 257 23.37 8.23 30.61
CA LYS B 257 24.41 7.47 31.28
C LYS B 257 25.07 6.47 30.31
N ALA B 258 24.30 5.97 29.34
CA ALA B 258 24.84 5.03 28.37
C ALA B 258 25.72 5.71 27.32
N TYR B 259 25.56 7.02 27.20
CA TYR B 259 26.29 7.78 26.17
C TYR B 259 27.43 8.63 26.71
N ALA B 260 27.35 9.06 27.97
CA ALA B 260 28.31 10.02 28.52
C ALA B 260 28.97 9.57 29.80
N GLU B 261 30.26 9.83 29.90
CA GLU B 261 31.07 9.48 31.08
C GLU B 261 30.77 10.41 32.25
N ASP B 262 30.51 11.67 31.93
CA ASP B 262 30.42 12.72 32.93
C ASP B 262 29.08 13.42 32.79
N VAL B 263 28.08 12.94 33.52
CA VAL B 263 26.74 13.47 33.38
C VAL B 263 26.03 13.63 34.72
N GLU B 264 25.33 14.75 34.86
CA GLU B 264 24.45 14.96 36.00
C GLU B 264 23.06 15.20 35.43
N GLY B 265 22.04 14.87 36.20
CA GLY B 265 20.69 15.02 35.73
C GLY B 265 19.76 15.58 36.77
N HIS B 266 18.72 16.27 36.31
CA HIS B 266 17.69 16.77 37.20
C HIS B 266 16.33 16.44 36.63
N VAL B 267 15.42 16.02 37.50
CA VAL B 267 14.03 15.90 37.16
C VAL B 267 13.28 17.01 37.90
N LEU B 268 12.52 17.81 37.15
CA LEU B 268 11.80 18.93 37.74
C LEU B 268 10.33 18.60 38.03
N PRO B 269 9.99 18.45 39.31
CA PRO B 269 8.59 18.14 39.65
C PRO B 269 7.69 19.29 39.21
N GLY B 270 6.43 18.99 38.88
CA GLY B 270 5.48 20.00 38.50
C GLY B 270 5.66 20.56 37.10
N CYS B 271 6.52 19.91 36.30
CA CYS B 271 6.80 20.40 34.95
C CYS B 271 6.66 19.29 33.93
N GLY B 272 6.16 19.64 32.76
CA GLY B 272 6.01 18.67 31.70
C GLY B 272 7.11 18.76 30.65
N HIS B 273 6.72 18.74 29.38
CA HIS B 273 7.66 18.67 28.27
C HIS B 273 8.33 20.01 27.96
N TRP B 274 7.61 21.11 28.19
CA TRP B 274 8.04 22.40 27.67
C TRP B 274 8.80 23.21 28.74
N LEU B 275 9.94 22.68 29.17
CA LEU B 275 10.67 23.23 30.32
C LEU B 275 10.96 24.73 30.27
N PRO B 276 11.44 25.24 29.12
CA PRO B 276 11.75 26.67 29.08
C PRO B 276 10.54 27.57 29.32
N GLU B 277 9.33 27.07 29.05
CA GLU B 277 8.11 27.85 29.26
C GLU B 277 7.40 27.49 30.56
N GLU B 278 7.29 26.19 30.84
CA GLU B 278 6.56 25.71 32.01
C GLU B 278 7.27 25.97 33.30
N CYS B 279 8.59 25.88 33.27
CA CYS B 279 9.40 25.98 34.47
C CYS B 279 10.65 26.77 34.10
N ALA B 280 10.40 27.96 33.57
CA ALA B 280 11.44 28.86 33.10
C ALA B 280 12.49 29.21 34.16
N ALA B 281 12.06 29.69 35.33
CA ALA B 281 13.03 30.11 36.34
C ALA B 281 14.01 29.03 36.81
N PRO B 282 13.50 27.86 37.23
CA PRO B 282 14.42 26.82 37.69
C PRO B 282 15.21 26.21 36.53
N MET B 283 14.59 26.06 35.36
CA MET B 283 15.34 25.56 34.20
C MET B 283 16.50 26.51 33.86
N ASN B 284 16.19 27.80 33.77
CA ASN B 284 17.18 28.83 33.47
C ASN B 284 18.34 28.78 34.46
N ARG B 285 18.00 28.70 35.76
CA ARG B 285 18.99 28.66 36.82
C ARG B 285 19.94 27.48 36.66
N LEU B 286 19.38 26.30 36.42
CA LEU B 286 20.19 25.09 36.31
C LEU B 286 21.14 25.14 35.12
N VAL B 287 20.61 25.61 33.98
CA VAL B 287 21.40 25.75 32.77
C VAL B 287 22.53 26.74 33.00
N ILE B 288 22.16 27.92 33.52
CA ILE B 288 23.14 28.97 33.73
C ILE B 288 24.27 28.53 34.67
N ASP B 289 23.89 27.94 35.79
CA ASP B 289 24.91 27.47 36.75
C ASP B 289 25.81 26.39 36.16
N PHE B 290 25.20 25.42 35.49
CA PHE B 290 25.97 24.35 34.84
C PHE B 290 26.98 24.91 33.82
N LEU B 291 26.51 25.76 32.92
CA LEU B 291 27.40 26.34 31.91
C LEU B 291 28.45 27.29 32.50
N SER B 292 28.10 27.92 33.62
CA SER B 292 28.97 28.92 34.22
C SER B 292 30.07 28.28 35.06
N ARG B 293 30.07 26.96 35.13
CA ARG B 293 31.18 26.22 35.75
C ARG B 293 32.36 26.11 34.78
N GLY B 294 32.10 26.39 33.51
CA GLY B 294 33.16 26.53 32.52
C GLY B 294 33.48 28.00 32.34
N ARG B 295 34.60 28.31 31.68
CA ARG B 295 34.97 29.71 31.46
C ARG B 295 33.88 30.45 30.69
N HIS B 296 33.62 31.69 31.09
CA HIS B 296 32.56 32.49 30.47
C HIS B 296 32.87 33.98 30.48
N ALA C 1 24.20 20.61 -10.68
CA ALA C 1 22.83 20.08 -10.58
C ALA C 1 22.81 18.59 -10.25
N GLU C 2 22.18 18.25 -9.12
CA GLU C 2 22.05 16.85 -8.72
C GLU C 2 20.59 16.49 -8.50
N GLU C 3 20.16 15.37 -9.08
CA GLU C 3 18.81 14.89 -8.91
C GLU C 3 18.57 14.41 -7.48
N PHE C 4 19.62 13.93 -6.82
CA PHE C 4 19.52 13.37 -5.45
C PHE C 4 20.69 13.82 -4.58
N PRO C 5 20.46 13.97 -3.27
CA PRO C 5 21.48 14.44 -2.32
C PRO C 5 22.59 13.42 -2.13
N VAL C 6 23.83 13.85 -2.38
CA VAL C 6 25.00 13.01 -2.21
C VAL C 6 25.33 12.90 -0.72
N PRO C 7 25.60 11.68 -0.22
CA PRO C 7 25.88 11.56 1.21
C PRO C 7 27.16 12.30 1.55
N ASN C 8 27.30 12.72 2.80
CA ASN C 8 28.47 13.50 3.18
C ASN C 8 29.75 12.71 2.89
N GLY C 9 30.71 13.34 2.23
CA GLY C 9 31.98 12.68 1.96
C GLY C 9 32.05 11.96 0.63
N PHE C 10 30.95 11.95 -0.12
CA PHE C 10 30.94 11.31 -1.43
C PHE C 10 30.97 12.38 -2.50
N GLU C 11 31.37 12.00 -3.71
CA GLU C 11 31.34 12.92 -4.83
C GLU C 11 30.41 12.39 -5.92
N SER C 12 29.70 13.31 -6.55
CA SER C 12 28.93 13.01 -7.76
C SER C 12 29.81 13.36 -8.97
N ALA C 13 30.03 12.40 -9.86
CA ALA C 13 30.90 12.63 -11.02
C ALA C 13 30.42 11.87 -12.26
N TYR C 14 31.15 12.00 -13.36
CA TYR C 14 30.80 11.32 -14.60
C TYR C 14 32.02 10.68 -15.21
N ARG C 15 31.82 9.57 -15.90
CA ARG C 15 32.90 8.99 -16.67
C ARG C 15 32.39 8.61 -18.05
N GLU C 16 33.11 9.04 -19.09
CA GLU C 16 32.76 8.66 -20.45
C GLU C 16 33.26 7.24 -20.74
N VAL C 17 32.36 6.36 -21.15
CA VAL C 17 32.70 4.96 -21.38
C VAL C 17 32.12 4.52 -22.72
N ASP C 18 32.99 4.19 -23.66
CA ASP C 18 32.53 3.83 -25.00
C ASP C 18 31.54 4.88 -25.52
N GLY C 19 31.89 6.14 -25.35
CA GLY C 19 31.11 7.25 -25.89
C GLY C 19 29.83 7.59 -25.13
N VAL C 20 29.63 6.93 -24.00
CA VAL C 20 28.45 7.19 -23.20
C VAL C 20 28.86 7.79 -21.86
N LYS C 21 28.26 8.93 -21.51
CA LYS C 21 28.62 9.59 -20.26
C LYS C 21 27.83 8.98 -19.11
N LEU C 22 28.51 8.27 -18.22
CA LEU C 22 27.84 7.65 -17.08
C LEU C 22 28.01 8.49 -15.82
N HIS C 23 26.91 8.70 -15.12
CA HIS C 23 26.94 9.36 -13.82
C HIS C 23 27.19 8.32 -12.74
N TYR C 24 27.92 8.71 -11.70
CA TYR C 24 28.06 7.83 -10.54
C TYR C 24 28.34 8.65 -9.29
N VAL C 25 28.14 8.02 -8.13
CA VAL C 25 28.49 8.62 -6.85
C VAL C 25 29.53 7.70 -6.21
N LYS C 26 30.60 8.29 -5.66
CA LYS C 26 31.73 7.52 -5.20
C LYS C 26 32.23 8.01 -3.83
N GLY C 27 32.61 7.08 -2.96
CA GLY C 27 33.12 7.43 -1.65
C GLY C 27 33.90 6.29 -1.04
N GLY C 28 34.66 6.58 0.01
CA GLY C 28 35.37 5.53 0.72
C GLY C 28 36.74 5.16 0.17
N GLN C 29 37.37 4.19 0.84
CA GLN C 29 38.70 3.71 0.48
C GLN C 29 38.76 2.20 0.60
N GLY C 30 39.69 1.59 -0.12
CA GLY C 30 39.86 0.13 -0.06
C GLY C 30 39.40 -0.51 -1.35
N PRO C 31 39.22 -1.84 -1.34
CA PRO C 31 38.78 -2.56 -2.54
C PRO C 31 37.44 -2.02 -3.03
N LEU C 32 37.19 -2.13 -4.33
CA LEU C 32 36.02 -1.52 -4.94
C LEU C 32 34.75 -2.37 -4.79
N VAL C 33 33.65 -1.74 -4.42
CA VAL C 33 32.33 -2.37 -4.51
C VAL C 33 31.47 -1.50 -5.43
N MET C 34 30.88 -2.12 -6.44
CA MET C 34 29.94 -1.41 -7.31
C MET C 34 28.51 -1.84 -6.98
N LEU C 35 27.65 -0.85 -6.76
CA LEU C 35 26.24 -1.06 -6.44
C LEU C 35 25.40 -0.62 -7.62
N VAL C 36 24.52 -1.49 -8.12
CA VAL C 36 23.79 -1.19 -9.34
C VAL C 36 22.28 -1.27 -9.13
N HIS C 37 21.62 -0.14 -9.30
CA HIS C 37 20.20 0.03 -8.98
C HIS C 37 19.29 -0.61 -10.02
N GLY C 38 17.98 -0.54 -9.76
CA GLY C 38 16.99 -1.13 -10.64
C GLY C 38 15.97 -0.17 -11.23
N PHE C 39 14.91 -0.74 -11.78
CA PHE C 39 13.87 0.05 -12.42
C PHE C 39 13.14 0.97 -11.45
N GLY C 40 12.77 2.17 -11.90
CA GLY C 40 12.04 3.10 -11.07
C GLY C 40 12.91 3.92 -10.15
N GLN C 41 14.21 3.60 -10.11
CA GLN C 41 15.13 4.27 -9.19
C GLN C 41 16.46 4.63 -9.84
N THR C 42 17.43 4.98 -9.00
CA THR C 42 18.74 5.46 -9.45
C THR C 42 19.76 5.03 -8.41
N TRP C 43 20.97 5.58 -8.49
CA TRP C 43 22.01 5.27 -7.53
C TRP C 43 21.51 5.54 -6.12
N TYR C 44 20.57 6.47 -5.99
CA TYR C 44 20.12 6.92 -4.68
C TYR C 44 19.52 5.81 -3.81
N GLU C 45 19.03 4.73 -4.40
CA GLU C 45 18.46 3.67 -3.55
C GLU C 45 19.52 3.16 -2.57
N TRP C 46 20.79 3.35 -2.92
CA TRP C 46 21.90 2.82 -2.14
C TRP C 46 22.41 3.80 -1.09
N HIS C 47 21.80 4.99 -0.99
CA HIS C 47 22.45 6.08 -0.26
C HIS C 47 22.60 5.84 1.25
N GLN C 48 21.78 4.96 1.82
CA GLN C 48 21.91 4.62 3.24
C GLN C 48 22.98 3.56 3.48
N LEU C 49 23.13 2.63 2.55
CA LEU C 49 24.12 1.59 2.65
C LEU C 49 25.53 2.11 2.34
N MET C 50 25.62 3.09 1.45
CA MET C 50 26.92 3.58 0.96
C MET C 50 27.90 4.01 2.06
N PRO C 51 27.46 4.88 2.99
CA PRO C 51 28.38 5.38 4.02
C PRO C 51 28.93 4.26 4.90
N GLU C 52 28.11 3.24 5.12
CA GLU C 52 28.52 2.10 5.94
C GLU C 52 29.56 1.25 5.22
N LEU C 53 29.32 0.98 3.94
CA LEU C 53 30.29 0.25 3.12
C LEU C 53 31.57 1.04 2.94
N ALA C 54 31.46 2.35 2.86
CA ALA C 54 32.60 3.20 2.57
C ALA C 54 33.66 3.18 3.67
N LYS C 55 33.31 2.65 4.83
CA LYS C 55 34.26 2.54 5.95
C LYS C 55 35.29 1.43 5.70
N ARG C 56 34.97 0.52 4.80
CA ARG C 56 35.82 -0.63 4.49
C ARG C 56 36.16 -0.75 3.01
N PHE C 57 35.40 -0.04 2.17
CA PHE C 57 35.52 -0.23 0.72
C PHE C 57 35.51 1.10 -0.03
N THR C 58 36.03 1.07 -1.25
CA THR C 58 35.77 2.16 -2.18
C THR C 58 34.42 1.82 -2.83
N VAL C 59 33.46 2.73 -2.73
CA VAL C 59 32.11 2.44 -3.21
C VAL C 59 31.73 3.29 -4.41
N ILE C 60 31.24 2.65 -5.47
CA ILE C 60 30.73 3.38 -6.62
CA ILE C 60 30.72 3.38 -6.61
C ILE C 60 29.31 2.93 -6.94
N ALA C 61 28.43 3.90 -7.17
CA ALA C 61 27.05 3.63 -7.49
C ALA C 61 26.70 4.44 -8.72
N PRO C 62 26.68 3.78 -9.89
CA PRO C 62 26.38 4.46 -11.16
C PRO C 62 24.88 4.52 -11.44
N ASP C 63 24.47 5.46 -12.28
CA ASP C 63 23.13 5.43 -12.84
C ASP C 63 23.22 4.59 -14.11
N LEU C 64 22.30 3.65 -14.26
CA LEU C 64 22.20 2.84 -15.47
C LEU C 64 22.05 3.73 -16.70
N PRO C 65 22.61 3.31 -17.84
CA PRO C 65 22.48 4.11 -19.07
C PRO C 65 21.04 4.56 -19.30
N GLY C 66 20.86 5.86 -19.53
CA GLY C 66 19.57 6.43 -19.81
C GLY C 66 18.76 6.86 -18.60
N LEU C 67 19.11 6.30 -17.44
CA LEU C 67 18.39 6.56 -16.20
C LEU C 67 19.20 7.48 -15.32
N GLY C 68 18.54 8.13 -14.36
CA GLY C 68 19.27 9.07 -13.51
C GLY C 68 19.95 10.11 -14.38
N GLN C 69 21.22 10.37 -14.12
CA GLN C 69 21.95 11.38 -14.89
C GLN C 69 22.91 10.75 -15.90
N SER C 70 22.65 9.50 -16.26
CA SER C 70 23.48 8.79 -17.25
C SER C 70 22.87 8.86 -18.66
N GLU C 71 23.73 9.09 -19.65
CA GLU C 71 23.31 9.07 -21.06
C GLU C 71 22.83 7.69 -21.47
N PRO C 72 21.88 7.63 -22.42
CA PRO C 72 21.42 6.32 -22.92
C PRO C 72 22.58 5.57 -23.57
N PRO C 73 22.45 4.25 -23.69
CA PRO C 73 23.51 3.46 -24.31
C PRO C 73 23.51 3.73 -25.80
N LYS C 74 24.66 3.58 -26.43
CA LYS C 74 24.73 3.81 -27.87
CA LYS C 74 24.78 3.80 -27.87
C LYS C 74 24.66 2.49 -28.64
N THR C 75 24.92 1.39 -27.96
CA THR C 75 24.80 0.06 -28.55
C THR C 75 23.35 -0.44 -28.45
N GLY C 76 22.93 -0.75 -27.23
CA GLY C 76 21.58 -1.22 -27.02
C GLY C 76 21.32 -1.49 -25.55
N TYR C 77 20.13 -2.00 -25.26
CA TYR C 77 19.69 -2.15 -23.89
C TYR C 77 19.67 -3.59 -23.40
N SER C 78 20.11 -4.53 -24.23
CA SER C 78 20.19 -5.92 -23.80
C SER C 78 21.26 -6.08 -22.71
N GLY C 79 21.12 -7.12 -21.90
CA GLY C 79 22.01 -7.32 -20.77
C GLY C 79 23.47 -7.29 -21.17
N GLU C 80 23.80 -8.02 -22.23
CA GLU C 80 25.18 -8.13 -22.65
C GLU C 80 25.72 -6.78 -23.10
N GLN C 81 24.91 -5.99 -23.79
CA GLN C 81 25.33 -4.66 -24.24
C GLN C 81 25.57 -3.69 -23.08
N VAL C 82 24.60 -3.59 -22.18
CA VAL C 82 24.73 -2.72 -21.02
C VAL C 82 25.86 -3.15 -20.07
N ALA C 83 26.03 -4.46 -19.88
CA ALA C 83 27.08 -4.96 -19.02
C ALA C 83 28.48 -4.46 -19.41
N VAL C 84 28.74 -4.33 -20.71
CA VAL C 84 30.03 -3.80 -21.14
C VAL C 84 30.32 -2.44 -20.52
N TYR C 85 29.31 -1.56 -20.51
CA TYR C 85 29.49 -0.22 -19.95
C TYR C 85 29.85 -0.31 -18.46
N LEU C 86 29.12 -1.13 -17.73
CA LEU C 86 29.30 -1.22 -16.27
C LEU C 86 30.64 -1.90 -15.92
N HIS C 87 31.00 -2.95 -16.64
CA HIS C 87 32.29 -3.62 -16.43
C HIS C 87 33.46 -2.66 -16.67
N LYS C 88 33.46 -2.00 -17.83
CA LYS C 88 34.50 -1.02 -18.14
C LYS C 88 34.56 0.13 -17.12
N LEU C 89 33.40 0.57 -16.64
CA LEU C 89 33.36 1.63 -15.63
C LEU C 89 34.09 1.17 -14.37
N ALA C 90 33.68 0.01 -13.87
CA ALA C 90 34.27 -0.54 -12.66
C ALA C 90 35.78 -0.72 -12.83
N ARG C 91 36.18 -1.26 -13.98
CA ARG C 91 37.60 -1.55 -14.21
C ARG C 91 38.47 -0.29 -14.30
N GLN C 92 37.85 0.84 -14.63
CA GLN C 92 38.56 2.11 -14.57
C GLN C 92 39.04 2.42 -13.15
N PHE C 93 38.20 2.07 -12.18
CA PHE C 93 38.53 2.35 -10.78
C PHE C 93 39.28 1.19 -10.13
N SER C 94 39.19 0.01 -10.74
CA SER C 94 39.86 -1.18 -10.20
C SER C 94 40.51 -1.97 -11.33
N PRO C 95 41.57 -1.41 -11.94
CA PRO C 95 42.17 -2.03 -13.14
C PRO C 95 42.96 -3.31 -12.88
N ASP C 96 43.42 -3.52 -11.65
CA ASP C 96 44.33 -4.64 -11.38
C ASP C 96 43.90 -5.49 -10.20
N ARG C 97 42.66 -5.32 -9.75
CA ARG C 97 42.12 -6.12 -8.67
C ARG C 97 40.65 -6.42 -8.95
N PRO C 98 40.18 -7.60 -8.54
CA PRO C 98 38.77 -7.94 -8.68
C PRO C 98 37.94 -7.00 -7.82
N PHE C 99 36.69 -6.78 -8.17
CA PHE C 99 35.80 -5.92 -7.38
C PHE C 99 34.56 -6.68 -6.97
N ASP C 100 33.82 -6.13 -6.00
CA ASP C 100 32.57 -6.73 -5.55
C ASP C 100 31.39 -6.08 -6.28
N LEU C 101 30.30 -6.84 -6.40
CA LEU C 101 29.14 -6.34 -7.11
C LEU C 101 27.88 -6.60 -6.30
N VAL C 102 27.06 -5.56 -6.13
CA VAL C 102 25.73 -5.70 -5.55
C VAL C 102 24.76 -5.15 -6.60
N ALA C 103 23.70 -5.89 -6.91
CA ALA C 103 22.76 -5.41 -7.90
C ALA C 103 21.32 -5.75 -7.52
N HIS C 104 20.41 -4.84 -7.83
CA HIS C 104 18.99 -4.94 -7.47
C HIS C 104 18.16 -4.92 -8.75
N ASP C 105 17.20 -5.84 -8.90
CA ASP C 105 16.22 -5.72 -9.98
C ASP C 105 16.93 -5.77 -11.35
N ILE C 106 16.64 -4.84 -12.26
CA ILE C 106 17.25 -4.92 -13.59
C ILE C 106 18.77 -4.68 -13.55
N GLY C 107 19.28 -4.23 -12.41
CA GLY C 107 20.72 -4.20 -12.21
C GLY C 107 21.33 -5.58 -12.39
N ILE C 108 20.55 -6.61 -12.05
CA ILE C 108 20.97 -8.00 -12.27
C ILE C 108 21.08 -8.31 -13.76
N TRP C 109 20.05 -7.93 -14.51
CA TRP C 109 20.03 -8.13 -15.95
C TRP C 109 21.23 -7.50 -16.63
N ASN C 110 21.62 -6.34 -16.11
CA ASN C 110 22.65 -5.51 -16.74
C ASN C 110 24.08 -5.83 -16.27
N THR C 111 24.20 -6.80 -15.37
CA THR C 111 25.52 -7.16 -14.87
C THR C 111 25.86 -8.62 -15.08
N TYR C 112 24.84 -9.49 -15.15
CA TYR C 112 25.14 -10.91 -15.17
C TYR C 112 26.09 -11.29 -16.32
N PRO C 113 25.84 -10.78 -17.53
CA PRO C 113 26.74 -11.17 -18.62
C PRO C 113 28.21 -10.77 -18.37
N MET C 114 28.46 -9.65 -17.71
CA MET C 114 29.86 -9.26 -17.51
C MET C 114 30.52 -10.07 -16.38
N VAL C 115 29.71 -10.54 -15.43
CA VAL C 115 30.19 -11.42 -14.38
C VAL C 115 30.62 -12.77 -14.97
N VAL C 116 29.74 -13.36 -15.77
CA VAL C 116 30.02 -14.67 -16.36
C VAL C 116 31.18 -14.63 -17.36
N LYS C 117 31.34 -13.53 -18.08
CA LYS C 117 32.41 -13.41 -19.07
C LYS C 117 33.74 -12.93 -18.49
N ASN C 118 33.71 -12.44 -17.26
CA ASN C 118 34.93 -11.93 -16.62
C ASN C 118 34.97 -12.37 -15.16
N GLN C 119 34.86 -13.67 -14.91
CA GLN C 119 34.72 -14.15 -13.54
C GLN C 119 35.86 -13.72 -12.63
N ALA C 120 37.07 -13.68 -13.17
CA ALA C 120 38.23 -13.34 -12.36
C ALA C 120 38.21 -11.88 -11.87
N ASP C 121 37.38 -11.05 -12.49
CA ASP C 121 37.24 -9.64 -12.15
C ASP C 121 36.25 -9.41 -11.00
N ILE C 122 35.45 -10.43 -10.70
CA ILE C 122 34.41 -10.32 -9.66
C ILE C 122 34.77 -11.11 -8.40
N ALA C 123 35.09 -10.40 -7.33
CA ALA C 123 35.48 -11.06 -6.09
C ALA C 123 34.28 -11.75 -5.42
N ARG C 124 33.27 -10.96 -5.10
CA ARG C 124 32.06 -11.49 -4.48
C ARG C 124 30.86 -10.80 -5.11
N LEU C 125 29.70 -11.44 -5.02
CA LEU C 125 28.53 -11.02 -5.77
C LEU C 125 27.28 -11.09 -4.90
N VAL C 126 26.47 -10.04 -4.93
CA VAL C 126 25.19 -10.04 -4.23
C VAL C 126 24.08 -9.62 -5.18
N TYR C 127 23.10 -10.50 -5.36
CA TYR C 127 21.96 -10.22 -6.24
C TYR C 127 20.67 -10.20 -5.43
N MET C 128 19.78 -9.25 -5.72
CA MET C 128 18.50 -9.19 -5.02
C MET C 128 17.32 -8.77 -5.89
N GLN C 129 16.20 -9.48 -5.73
CA GLN C 129 14.90 -9.06 -6.25
C GLN C 129 14.81 -8.87 -7.77
N ALA C 130 15.15 -9.93 -8.49
CA ALA C 130 14.80 -10.03 -9.90
C ALA C 130 15.34 -11.33 -10.45
N PRO C 131 14.61 -11.93 -11.40
CA PRO C 131 15.17 -13.11 -12.07
C PRO C 131 16.32 -12.72 -13.00
N ILE C 132 17.36 -13.54 -13.04
CA ILE C 132 18.30 -13.49 -14.15
C ILE C 132 17.45 -13.82 -15.38
N PRO C 133 17.61 -13.06 -16.47
CA PRO C 133 16.74 -13.39 -17.61
C PRO C 133 17.03 -14.79 -18.17
N ASP C 134 16.04 -15.68 -18.07
CA ASP C 134 16.12 -17.02 -18.68
C ASP C 134 14.70 -17.56 -18.87
N ALA C 135 14.57 -18.82 -19.28
CA ALA C 135 13.25 -19.37 -19.59
C ALA C 135 12.27 -19.37 -18.40
N ARG C 136 12.79 -19.27 -17.19
CA ARG C 136 11.94 -19.25 -16.00
C ARG C 136 10.94 -18.08 -16.00
N ILE C 137 11.32 -16.98 -16.62
CA ILE C 137 10.45 -15.80 -16.63
C ILE C 137 9.14 -16.04 -17.37
N TYR C 138 9.11 -17.03 -18.27
CA TYR C 138 7.90 -17.33 -19.02
C TYR C 138 6.93 -18.19 -18.21
N ARG C 139 7.34 -18.61 -17.03
CA ARG C 139 6.48 -19.43 -16.17
C ARG C 139 5.67 -18.62 -15.15
N PHE C 140 6.04 -17.36 -14.95
CA PHE C 140 5.31 -16.49 -14.01
C PHE C 140 3.87 -16.26 -14.53
N PRO C 141 2.88 -16.22 -13.62
CA PRO C 141 1.47 -16.03 -13.99
C PRO C 141 1.14 -14.58 -14.35
N ALA C 142 0.24 -14.40 -15.31
CA ALA C 142 -0.25 -13.07 -15.66
C ALA C 142 -1.17 -12.50 -14.59
N PHE C 143 -1.87 -13.38 -13.87
CA PHE C 143 -2.93 -12.95 -12.96
C PHE C 143 -3.01 -13.94 -11.80
N THR C 144 -3.09 -13.43 -10.57
CA THR C 144 -3.06 -14.29 -9.39
C THR C 144 -4.37 -14.25 -8.60
N ALA C 145 -4.61 -15.34 -7.86
CA ALA C 145 -5.84 -15.49 -7.08
C ALA C 145 -5.80 -14.61 -5.85
N GLN C 146 -4.60 -14.49 -5.28
CA GLN C 146 -4.37 -13.62 -4.13
C GLN C 146 -3.21 -12.69 -4.43
N GLY C 147 -3.25 -11.50 -3.83
CA GLY C 147 -2.22 -10.51 -4.09
C GLY C 147 -2.25 -10.12 -5.56
N GLU C 148 -1.08 -9.81 -6.12
CA GLU C 148 -0.99 -9.33 -7.49
C GLU C 148 0.17 -10.00 -8.21
N SER C 149 0.00 -10.22 -9.51
CA SER C 149 1.04 -10.80 -10.35
C SER C 149 2.31 -9.95 -10.29
N LEU C 150 3.43 -10.59 -9.95
CA LEU C 150 4.69 -9.86 -9.81
C LEU C 150 5.23 -9.31 -11.14
N VAL C 151 5.02 -10.01 -12.24
CA VAL C 151 5.71 -9.60 -13.46
C VAL C 151 4.84 -9.31 -14.68
N TRP C 152 3.56 -9.06 -14.47
CA TRP C 152 2.72 -8.63 -15.60
C TRP C 152 3.27 -7.36 -16.23
N HIS C 153 3.97 -6.55 -15.44
CA HIS C 153 4.53 -5.32 -16.00
C HIS C 153 5.58 -5.60 -17.08
N PHE C 154 6.14 -6.82 -17.11
CA PHE C 154 7.08 -7.19 -18.18
C PHE C 154 6.43 -6.99 -19.54
N SER C 155 5.18 -7.47 -19.67
CA SER C 155 4.46 -7.35 -20.93
C SER C 155 4.06 -5.92 -21.26
N PHE C 156 3.62 -5.20 -20.23
CA PHE C 156 3.24 -3.79 -20.38
C PHE C 156 4.40 -2.99 -20.93
N PHE C 157 5.56 -3.12 -20.28
CA PHE C 157 6.72 -2.30 -20.61
C PHE C 157 7.32 -2.73 -21.94
N ALA C 158 7.18 -4.01 -22.27
CA ALA C 158 7.75 -4.55 -23.51
C ALA C 158 6.88 -4.30 -24.73
N ALA C 159 5.62 -3.91 -24.51
CA ALA C 159 4.63 -3.78 -25.58
C ALA C 159 5.05 -2.80 -26.68
N ASP C 160 4.71 -3.14 -27.92
CA ASP C 160 4.92 -2.28 -29.07
C ASP C 160 4.24 -0.92 -28.99
N ASP C 161 4.49 -0.11 -30.01
CA ASP C 161 3.78 1.16 -30.19
C ASP C 161 4.10 2.13 -29.06
N ARG C 162 5.18 1.85 -28.32
CA ARG C 162 5.53 2.68 -27.17
C ARG C 162 4.33 2.84 -26.24
N LEU C 163 3.58 1.76 -26.11
CA LEU C 163 2.38 1.74 -25.30
C LEU C 163 2.63 2.35 -23.92
N ALA C 164 3.65 1.86 -23.22
CA ALA C 164 3.88 2.33 -21.85
C ALA C 164 4.25 3.80 -21.74
N GLU C 165 5.24 4.27 -22.50
CA GLU C 165 5.60 5.70 -22.45
C GLU C 165 4.42 6.58 -22.85
N THR C 166 3.68 6.14 -23.86
CA THR C 166 2.54 6.89 -24.37
C THR C 166 1.46 7.06 -23.29
N LEU C 167 1.20 6.00 -22.54
CA LEU C 167 0.19 6.08 -21.48
C LEU C 167 0.69 6.84 -20.25
N ILE C 168 1.97 6.67 -19.93
CA ILE C 168 2.51 7.15 -18.65
C ILE C 168 3.03 8.60 -18.73
N ALA C 169 3.34 9.08 -19.93
CA ALA C 169 3.77 10.47 -20.09
C ALA C 169 2.75 11.44 -19.49
N GLY C 170 3.23 12.39 -18.69
CA GLY C 170 2.36 13.32 -17.98
C GLY C 170 1.72 12.72 -16.73
N LYS C 171 1.98 11.44 -16.48
CA LYS C 171 1.39 10.75 -15.34
C LYS C 171 2.46 9.96 -14.58
N GLU C 172 3.71 10.38 -14.73
CA GLU C 172 4.84 9.61 -14.23
C GLU C 172 4.83 9.52 -12.71
N ARG C 173 4.49 10.62 -12.04
CA ARG C 173 4.49 10.64 -10.58
C ARG C 173 3.40 9.73 -10.01
N PHE C 174 2.23 9.77 -10.64
CA PHE C 174 1.15 8.85 -10.28
C PHE C 174 1.56 7.40 -10.50
N PHE C 175 2.05 7.11 -11.70
CA PHE C 175 2.40 5.72 -12.00
C PHE C 175 3.47 5.17 -11.04
N LEU C 176 4.52 5.95 -10.79
CA LEU C 176 5.65 5.45 -9.99
C LEU C 176 5.18 5.16 -8.56
N GLU C 177 4.35 6.03 -7.99
CA GLU C 177 3.88 5.75 -6.63
C GLU C 177 3.10 4.42 -6.65
N HIS C 178 2.26 4.22 -7.65
CA HIS C 178 1.49 2.98 -7.69
C HIS C 178 2.40 1.76 -7.87
N PHE C 179 3.34 1.85 -8.80
CA PHE C 179 4.23 0.74 -9.08
C PHE C 179 5.05 0.36 -7.84
N ILE C 180 5.69 1.35 -7.24
CA ILE C 180 6.53 1.09 -6.07
C ILE C 180 5.70 0.51 -4.91
N LYS C 181 4.62 1.17 -4.54
CA LYS C 181 3.83 0.69 -3.41
C LYS C 181 3.18 -0.68 -3.67
N SER C 182 2.75 -0.94 -4.89
CA SER C 182 2.13 -2.23 -5.21
CA SER C 182 2.13 -2.22 -5.20
C SER C 182 3.14 -3.36 -5.08
N HIS C 183 4.43 -3.02 -5.16
CA HIS C 183 5.50 -4.02 -5.06
C HIS C 183 6.17 -3.99 -3.69
N ALA C 184 5.54 -3.32 -2.73
CA ALA C 184 6.12 -3.16 -1.42
C ALA C 184 5.32 -3.85 -0.32
N SER C 185 6.03 -4.24 0.74
CA SER C 185 5.39 -4.68 1.97
C SER C 185 5.31 -3.50 2.94
N ASN C 186 6.44 -2.84 3.17
CA ASN C 186 6.48 -1.66 4.04
C ASN C 186 6.35 -0.38 3.22
N THR C 187 5.12 -0.05 2.83
CA THR C 187 4.88 1.07 1.94
C THR C 187 5.20 2.41 2.59
N GLU C 188 5.17 2.44 3.92
CA GLU C 188 5.31 3.68 4.66
C GLU C 188 6.64 4.41 4.42
N VAL C 189 7.65 3.69 3.95
CA VAL C 189 8.96 4.30 3.75
C VAL C 189 8.96 5.16 2.47
N PHE C 190 7.94 5.02 1.66
CA PHE C 190 7.88 5.81 0.44
C PHE C 190 7.03 7.06 0.64
N SER C 191 7.65 8.04 1.30
CA SER C 191 7.06 9.32 1.57
C SER C 191 6.83 10.04 0.27
N GLU C 192 5.89 10.98 0.28
CA GLU C 192 5.61 11.77 -0.90
C GLU C 192 6.88 12.48 -1.37
N ARG C 193 7.69 12.91 -0.41
CA ARG C 193 8.96 13.59 -0.71
C ARG C 193 9.92 12.69 -1.49
N LEU C 194 10.11 11.46 -1.02
CA LEU C 194 11.01 10.52 -1.73
C LEU C 194 10.46 10.15 -3.11
N LEU C 195 9.16 9.90 -3.19
CA LEU C 195 8.53 9.60 -4.47
C LEU C 195 8.69 10.78 -5.45
N ASP C 196 8.58 12.01 -4.95
CA ASP C 196 8.81 13.19 -5.79
C ASP C 196 10.21 13.12 -6.43
N LEU C 197 11.23 12.84 -5.61
CA LEU C 197 12.60 12.75 -6.11
C LEU C 197 12.74 11.70 -7.22
N TYR C 198 12.25 10.50 -6.97
CA TYR C 198 12.37 9.44 -7.96
C TYR C 198 11.56 9.76 -9.23
N ALA C 199 10.37 10.30 -9.07
CA ALA C 199 9.51 10.55 -10.23
C ALA C 199 10.12 11.61 -11.14
N ARG C 200 10.73 12.64 -10.55
CA ARG C 200 11.28 13.73 -11.34
C ARG C 200 12.39 13.22 -12.23
N SER C 201 13.12 12.21 -11.76
CA SER C 201 14.23 11.65 -12.50
C SER C 201 13.75 10.82 -13.68
N TYR C 202 12.85 9.87 -13.42
CA TYR C 202 12.45 9.00 -14.53
C TYR C 202 11.43 9.67 -15.46
N ALA C 203 10.93 10.84 -15.08
CA ALA C 203 10.03 11.60 -15.94
C ALA C 203 10.77 12.31 -17.08
N LYS C 204 12.09 12.41 -16.99
CA LYS C 204 12.86 12.96 -18.12
C LYS C 204 12.51 12.09 -19.31
N PRO C 205 12.13 12.71 -20.43
CA PRO C 205 11.58 11.91 -21.53
C PRO C 205 12.51 10.79 -21.97
N HIS C 206 13.80 11.06 -22.13
CA HIS C 206 14.73 10.00 -22.54
C HIS C 206 14.86 8.93 -21.44
N SER C 207 14.58 9.29 -20.19
CA SER C 207 14.65 8.33 -19.09
C SER C 207 13.42 7.42 -19.02
N LEU C 208 12.26 7.98 -19.29
CA LEU C 208 11.03 7.20 -19.32
C LEU C 208 11.17 6.17 -20.42
N ASN C 209 11.65 6.61 -21.58
CA ASN C 209 11.86 5.69 -22.69
C ASN C 209 12.92 4.65 -22.37
N ALA C 210 14.07 5.09 -21.84
CA ALA C 210 15.13 4.16 -21.47
C ALA C 210 14.60 3.08 -20.50
N SER C 211 13.80 3.51 -19.52
CA SER C 211 13.24 2.59 -18.53
C SER C 211 12.60 1.39 -19.22
N PHE C 212 11.79 1.67 -20.24
CA PHE C 212 11.07 0.58 -20.91
C PHE C 212 11.89 -0.20 -21.94
N GLU C 213 12.93 0.42 -22.47
CA GLU C 213 13.81 -0.24 -23.43
C GLU C 213 14.50 -1.46 -22.82
N TYR C 214 14.77 -1.42 -21.51
CA TYR C 214 15.36 -2.59 -20.85
C TYR C 214 14.42 -3.79 -20.95
N TYR C 215 13.11 -3.53 -20.82
CA TYR C 215 12.11 -4.58 -20.94
C TYR C 215 11.90 -5.03 -22.39
N ARG C 216 12.02 -4.09 -23.31
CA ARG C 216 11.90 -4.42 -24.74
C ARG C 216 13.08 -5.27 -25.20
N ALA C 217 14.18 -5.19 -24.46
CA ALA C 217 15.34 -6.03 -24.78
C ALA C 217 15.37 -7.33 -23.98
N LEU C 218 14.37 -7.56 -23.13
CA LEU C 218 14.40 -8.72 -22.23
C LEU C 218 14.51 -10.07 -22.95
N ASN C 219 13.71 -10.26 -24.01
CA ASN C 219 13.79 -11.52 -24.74
C ASN C 219 15.16 -11.74 -25.38
N GLU C 220 15.77 -10.66 -25.87
CA GLU C 220 17.14 -10.73 -26.38
C GLU C 220 18.10 -11.14 -25.26
N SER C 221 17.92 -10.56 -24.08
CA SER C 221 18.74 -10.90 -22.91
C SER C 221 18.59 -12.37 -22.52
N VAL C 222 17.36 -12.89 -22.60
CA VAL C 222 17.14 -14.30 -22.36
C VAL C 222 17.93 -15.16 -23.34
N ARG C 223 17.89 -14.80 -24.62
CA ARG C 223 18.62 -15.55 -25.63
C ARG C 223 20.13 -15.48 -25.42
N GLN C 224 20.63 -14.30 -25.06
CA GLN C 224 22.04 -14.13 -24.73
C GLN C 224 22.46 -15.07 -23.59
N ASN C 225 21.69 -15.05 -22.51
CA ASN C 225 22.01 -15.84 -21.32
C ASN C 225 21.92 -17.35 -21.50
N ALA C 226 21.13 -17.79 -22.47
CA ALA C 226 21.03 -19.22 -22.77
C ALA C 226 22.40 -19.79 -23.16
N GLU C 227 23.20 -18.98 -23.84
CA GLU C 227 24.56 -19.35 -24.20
C GLU C 227 25.49 -19.17 -23.00
N LEU C 228 25.46 -17.98 -22.41
CA LEU C 228 26.34 -17.66 -21.29
C LEU C 228 26.22 -18.65 -20.13
N ALA C 229 25.00 -19.11 -19.85
CA ALA C 229 24.75 -19.93 -18.66
C ALA C 229 25.39 -21.32 -18.74
N LYS C 230 25.92 -21.68 -19.90
CA LYS C 230 26.63 -22.95 -20.03
C LYS C 230 27.90 -22.99 -19.16
N THR C 231 28.25 -21.83 -18.60
CA THR C 231 29.38 -21.72 -17.70
C THR C 231 28.91 -21.23 -16.33
N ARG C 232 29.12 -22.05 -15.30
CA ARG C 232 28.69 -21.72 -13.93
C ARG C 232 29.57 -20.67 -13.26
N LEU C 233 28.96 -19.85 -12.40
CA LEU C 233 29.70 -18.84 -11.63
C LEU C 233 30.44 -19.48 -10.46
N GLN C 234 31.71 -19.10 -10.29
CA GLN C 234 32.60 -19.72 -9.32
C GLN C 234 32.88 -18.89 -8.06
N MET C 235 32.50 -17.62 -8.07
CA MET C 235 32.77 -16.76 -6.93
C MET C 235 31.67 -16.86 -5.89
N PRO C 236 31.98 -16.52 -4.62
CA PRO C 236 30.95 -16.56 -3.57
C PRO C 236 29.85 -15.57 -3.90
N THR C 237 28.63 -16.04 -3.77
CA THR C 237 27.45 -15.29 -4.17
C THR C 237 26.41 -15.37 -3.05
N MET C 238 25.69 -14.27 -2.86
CA MET C 238 24.57 -14.21 -1.91
C MET C 238 23.37 -13.65 -2.64
N THR C 239 22.21 -14.27 -2.44
CA THR C 239 20.96 -13.72 -2.93
C THR C 239 20.14 -13.20 -1.77
N LEU C 240 19.43 -12.09 -2.02
CA LEU C 240 18.46 -11.60 -1.06
C LEU C 240 17.12 -11.42 -1.76
N ALA C 241 16.05 -11.68 -1.03
CA ALA C 241 14.70 -11.49 -1.54
C ALA C 241 13.76 -11.11 -0.40
N GLY C 242 12.67 -10.42 -0.73
CA GLY C 242 11.66 -10.13 0.26
C GLY C 242 10.73 -11.32 0.39
N GLY C 243 10.25 -11.58 1.60
CA GLY C 243 9.24 -12.60 1.83
C GLY C 243 7.84 -12.03 1.93
N GLY C 244 7.75 -10.70 1.92
CA GLY C 244 6.48 -10.01 2.02
C GLY C 244 5.88 -9.68 0.67
N HIS C 245 4.81 -8.88 0.68
CA HIS C 245 4.13 -8.47 -0.56
C HIS C 245 5.10 -7.84 -1.55
N GLY C 246 5.17 -8.40 -2.75
CA GLY C 246 6.07 -7.88 -3.77
C GLY C 246 7.41 -8.57 -3.81
N GLY C 247 7.66 -9.44 -2.83
CA GLY C 247 8.93 -10.13 -2.73
C GLY C 247 8.96 -11.35 -3.63
N MET C 248 10.17 -11.72 -4.07
CA MET C 248 10.39 -12.91 -4.93
C MET C 248 10.40 -14.21 -4.12
N GLY C 249 10.48 -14.09 -2.80
CA GLY C 249 10.52 -15.26 -1.93
C GLY C 249 11.66 -16.23 -2.26
N THR C 250 11.34 -17.51 -2.31
CA THR C 250 12.36 -18.55 -2.52
C THR C 250 12.88 -18.63 -3.94
N PHE C 251 12.20 -17.95 -4.87
CA PHE C 251 12.61 -18.04 -6.28
C PHE C 251 14.05 -17.58 -6.49
N GLN C 252 14.43 -16.52 -5.78
CA GLN C 252 15.72 -15.87 -5.98
C GLN C 252 16.89 -16.83 -5.79
N LEU C 253 16.90 -17.54 -4.65
CA LEU C 253 17.97 -18.50 -4.39
C LEU C 253 17.84 -19.73 -5.28
N GLU C 254 16.62 -20.21 -5.47
CA GLU C 254 16.42 -21.44 -6.23
C GLU C 254 16.93 -21.30 -7.67
N GLN C 255 16.66 -20.15 -8.28
CA GLN C 255 17.22 -19.87 -9.61
C GLN C 255 18.75 -19.74 -9.55
N MET C 256 19.25 -19.02 -8.56
CA MET C 256 20.68 -18.78 -8.47
C MET C 256 21.47 -20.07 -8.31
N LYS C 257 20.86 -21.08 -7.70
CA LYS C 257 21.51 -22.37 -7.54
C LYS C 257 21.84 -23.01 -8.88
N ALA C 258 21.08 -22.67 -9.90
CA ALA C 258 21.34 -23.21 -11.24
C ALA C 258 22.53 -22.51 -11.89
N TYR C 259 22.92 -21.35 -11.34
CA TYR C 259 23.94 -20.51 -11.95
C TYR C 259 25.25 -20.48 -11.19
N ALA C 260 25.19 -20.76 -9.89
CA ALA C 260 26.34 -20.51 -9.00
C ALA C 260 26.73 -21.74 -8.20
N GLU C 261 28.03 -21.97 -8.08
CA GLU C 261 28.53 -23.11 -7.33
C GLU C 261 28.51 -22.81 -5.82
N ASP C 262 28.74 -21.56 -5.49
CA ASP C 262 28.88 -21.15 -4.09
C ASP C 262 27.86 -20.06 -3.83
N VAL C 263 26.70 -20.45 -3.30
CA VAL C 263 25.61 -19.49 -3.10
C VAL C 263 24.86 -19.71 -1.79
N GLU C 264 24.61 -18.62 -1.08
CA GLU C 264 23.73 -18.68 0.09
C GLU C 264 22.65 -17.63 -0.13
N GLY C 265 21.43 -17.95 0.30
CA GLY C 265 20.30 -17.06 0.10
C GLY C 265 19.56 -16.67 1.37
N HIS C 266 18.93 -15.50 1.35
CA HIS C 266 18.12 -15.04 2.45
C HIS C 266 16.78 -14.49 1.96
N VAL C 267 15.72 -14.82 2.68
CA VAL C 267 14.42 -14.23 2.44
C VAL C 267 14.07 -13.39 3.66
N LEU C 268 13.88 -12.09 3.45
CA LEU C 268 13.63 -11.14 4.53
C LEU C 268 12.13 -10.96 4.79
N PRO C 269 11.65 -11.43 5.95
CA PRO C 269 10.22 -11.37 6.27
C PRO C 269 9.69 -9.94 6.41
N GLY C 270 8.46 -9.72 5.93
CA GLY C 270 7.83 -8.41 6.04
C GLY C 270 8.47 -7.35 5.16
N CYS C 271 9.16 -7.80 4.12
CA CYS C 271 9.82 -6.88 3.19
C CYS C 271 9.41 -7.27 1.78
N GLY C 272 9.11 -6.27 0.94
CA GLY C 272 8.81 -6.53 -0.46
C GLY C 272 9.96 -6.40 -1.44
N HIS C 273 9.71 -5.68 -2.52
CA HIS C 273 10.71 -5.55 -3.59
C HIS C 273 11.87 -4.61 -3.24
N TRP C 274 11.59 -3.57 -2.48
CA TRP C 274 12.52 -2.46 -2.32
C TRP C 274 13.34 -2.62 -1.05
N LEU C 275 14.15 -3.68 -1.00
CA LEU C 275 14.87 -4.05 0.22
C LEU C 275 15.68 -2.91 0.86
N PRO C 276 16.47 -2.16 0.06
CA PRO C 276 17.31 -1.13 0.66
C PRO C 276 16.52 -0.08 1.46
N GLU C 277 15.26 0.15 1.11
CA GLU C 277 14.43 1.17 1.76
C GLU C 277 13.43 0.58 2.75
N GLU C 278 12.81 -0.54 2.40
CA GLU C 278 11.80 -1.18 3.24
C GLU C 278 12.42 -1.84 4.45
N CYS C 279 13.64 -2.35 4.27
CA CYS C 279 14.27 -3.12 5.34
C CYS C 279 15.76 -2.83 5.41
N ALA C 280 16.09 -1.55 5.58
CA ALA C 280 17.47 -1.08 5.55
C ALA C 280 18.37 -1.77 6.55
N ALA C 281 17.97 -1.83 7.82
CA ALA C 281 18.84 -2.41 8.84
C ALA C 281 19.27 -3.86 8.55
N PRO C 282 18.30 -4.78 8.38
CA PRO C 282 18.73 -6.17 8.12
C PRO C 282 19.40 -6.35 6.75
N MET C 283 18.93 -5.68 5.71
CA MET C 283 19.56 -5.82 4.40
C MET C 283 21.01 -5.32 4.42
N ASN C 284 21.21 -4.12 4.97
CA ASN C 284 22.54 -3.52 5.04
C ASN C 284 23.51 -4.44 5.79
N ARG C 285 23.05 -4.97 6.92
CA ARG C 285 23.88 -5.89 7.72
C ARG C 285 24.27 -7.13 6.93
N LEU C 286 23.30 -7.75 6.26
CA LEU C 286 23.58 -8.93 5.44
C LEU C 286 24.64 -8.66 4.38
N VAL C 287 24.53 -7.52 3.71
CA VAL C 287 25.46 -7.18 2.65
C VAL C 287 26.85 -6.83 3.19
N ILE C 288 26.90 -5.99 4.22
CA ILE C 288 28.18 -5.60 4.81
C ILE C 288 28.94 -6.82 5.33
N ASP C 289 28.24 -7.67 6.07
CA ASP C 289 28.86 -8.89 6.61
C ASP C 289 29.37 -9.80 5.49
N PHE C 290 28.57 -9.96 4.43
CA PHE C 290 28.94 -10.89 3.37
C PHE C 290 30.18 -10.41 2.62
N LEU C 291 30.20 -9.12 2.31
CA LEU C 291 31.33 -8.52 1.62
C LEU C 291 32.56 -8.42 2.51
N SER C 292 32.36 -8.31 3.82
CA SER C 292 33.48 -8.21 4.73
C SER C 292 34.16 -9.55 5.00
N ARG C 293 33.64 -10.62 4.41
CA ARG C 293 34.30 -11.93 4.51
C ARG C 293 35.57 -11.90 3.66
N GLY C 294 35.53 -11.15 2.57
CA GLY C 294 36.70 -10.95 1.73
C GLY C 294 37.54 -9.80 2.24
N ARG C 295 38.70 -9.60 1.63
CA ARG C 295 39.60 -8.53 2.06
C ARG C 295 38.94 -7.17 1.93
N HIS C 296 39.01 -6.37 2.99
CA HIS C 296 38.39 -5.05 3.00
C HIS C 296 39.22 -4.03 3.79
N ALA D 1 -29.64 10.49 -30.12
CA ALA D 1 -28.50 9.98 -30.86
C ALA D 1 -28.19 8.53 -30.48
N GLU D 2 -27.51 7.83 -31.39
CA GLU D 2 -27.08 6.47 -31.15
C GLU D 2 -25.58 6.43 -31.26
N GLU D 3 -24.92 5.65 -30.40
CA GLU D 3 -23.48 5.53 -30.50
C GLU D 3 -23.06 4.77 -31.74
N PHE D 4 -23.93 3.85 -32.19
CA PHE D 4 -23.65 3.02 -33.37
C PHE D 4 -24.89 2.91 -34.26
N PRO D 5 -24.68 2.79 -35.58
CA PRO D 5 -25.82 2.69 -36.53
C PRO D 5 -26.65 1.43 -36.32
N VAL D 6 -27.96 1.58 -36.14
CA VAL D 6 -28.85 0.43 -36.02
C VAL D 6 -29.17 -0.14 -37.41
N PRO D 7 -29.09 -1.48 -37.56
CA PRO D 7 -29.46 -2.10 -38.84
C PRO D 7 -30.94 -1.92 -39.18
N ASN D 8 -31.24 -1.91 -40.47
CA ASN D 8 -32.62 -1.79 -40.94
CA ASN D 8 -32.61 -1.80 -40.94
C ASN D 8 -33.48 -2.90 -40.37
N GLY D 9 -34.68 -2.54 -39.91
CA GLY D 9 -35.61 -3.51 -39.37
C GLY D 9 -35.33 -3.82 -37.91
N PHE D 10 -34.34 -3.13 -37.33
CA PHE D 10 -34.05 -3.28 -35.91
C PHE D 10 -34.40 -2.01 -35.16
N GLU D 11 -34.71 -2.15 -33.88
CA GLU D 11 -34.98 -1.01 -33.01
C GLU D 11 -34.00 -0.91 -31.85
N SER D 12 -33.61 0.33 -31.53
CA SER D 12 -32.80 0.59 -30.34
C SER D 12 -33.76 1.02 -29.23
N ALA D 13 -33.64 0.37 -28.08
CA ALA D 13 -34.60 0.59 -27.01
C ALA D 13 -33.97 0.36 -25.64
N TYR D 14 -34.75 0.59 -24.59
CA TYR D 14 -34.27 0.46 -23.22
C TYR D 14 -35.33 -0.25 -22.38
N ARG D 15 -34.87 -0.98 -21.38
CA ARG D 15 -35.76 -1.53 -20.37
C ARG D 15 -35.10 -1.38 -19.01
N GLU D 16 -35.90 -1.07 -18.00
CA GLU D 16 -35.45 -1.10 -16.62
C GLU D 16 -35.41 -2.54 -16.13
N VAL D 17 -34.26 -2.94 -15.60
CA VAL D 17 -34.14 -4.23 -14.94
C VAL D 17 -33.56 -4.03 -13.54
N ASP D 18 -34.34 -4.37 -12.53
CA ASP D 18 -33.91 -4.17 -11.15
C ASP D 18 -33.34 -2.75 -10.94
N GLY D 19 -34.03 -1.75 -11.48
CA GLY D 19 -33.62 -0.36 -11.27
C GLY D 19 -32.50 0.15 -12.16
N VAL D 20 -32.05 -0.68 -13.10
CA VAL D 20 -30.96 -0.29 -13.99
C VAL D 20 -31.49 -0.21 -15.42
N LYS D 21 -31.21 0.89 -16.10
CA LYS D 21 -31.70 1.11 -17.46
C LYS D 21 -30.75 0.48 -18.47
N LEU D 22 -31.18 -0.63 -19.05
CA LEU D 22 -30.34 -1.35 -20.02
C LEU D 22 -30.72 -0.98 -21.45
N HIS D 23 -29.71 -0.71 -22.26
CA HIS D 23 -29.90 -0.46 -23.69
C HIS D 23 -29.79 -1.77 -24.46
N TYR D 24 -30.57 -1.92 -25.53
CA TYR D 24 -30.42 -3.07 -26.41
C TYR D 24 -30.90 -2.71 -27.81
N VAL D 25 -30.48 -3.53 -28.77
CA VAL D 25 -30.99 -3.42 -30.13
C VAL D 25 -31.68 -4.75 -30.45
N LYS D 26 -32.90 -4.67 -30.96
CA LYS D 26 -33.77 -5.84 -31.12
C LYS D 26 -34.45 -5.89 -32.50
N GLY D 27 -34.57 -7.09 -33.06
CA GLY D 27 -35.27 -7.25 -34.32
C GLY D 27 -35.57 -8.70 -34.62
N GLY D 28 -36.37 -8.96 -35.66
CA GLY D 28 -36.68 -10.32 -36.04
C GLY D 28 -37.93 -10.91 -35.41
N GLN D 29 -38.19 -12.17 -35.71
CA GLN D 29 -39.36 -12.87 -35.21
C GLN D 29 -38.99 -14.33 -34.96
N GLY D 30 -39.68 -14.96 -34.02
CA GLY D 30 -39.41 -16.34 -33.67
C GLY D 30 -38.81 -16.43 -32.27
N PRO D 31 -38.22 -17.59 -31.93
CA PRO D 31 -37.57 -17.79 -30.63
C PRO D 31 -36.49 -16.74 -30.40
N LEU D 32 -36.21 -16.43 -29.14
CA LEU D 32 -35.28 -15.38 -28.80
C LEU D 32 -33.83 -15.87 -28.75
N VAL D 33 -32.93 -15.08 -29.34
CA VAL D 33 -31.49 -15.28 -29.18
C VAL D 33 -30.93 -13.99 -28.59
N MET D 34 -30.21 -14.10 -27.48
CA MET D 34 -29.55 -12.95 -26.88
C MET D 34 -28.06 -13.03 -27.18
N LEU D 35 -27.51 -11.95 -27.72
CA LEU D 35 -26.09 -11.85 -28.07
C LEU D 35 -25.43 -10.87 -27.12
N VAL D 36 -24.37 -11.31 -26.45
CA VAL D 36 -23.75 -10.51 -25.39
C VAL D 36 -22.28 -10.25 -25.71
N HIS D 37 -21.97 -8.96 -25.87
CA HIS D 37 -20.64 -8.50 -26.27
C HIS D 37 -19.63 -8.55 -25.14
N GLY D 38 -18.40 -8.17 -25.46
CA GLY D 38 -17.30 -8.19 -24.51
C GLY D 38 -16.58 -6.86 -24.34
N PHE D 39 -15.40 -6.91 -23.74
CA PHE D 39 -14.64 -5.72 -23.47
C PHE D 39 -14.23 -4.97 -24.73
N GLY D 40 -14.25 -3.65 -24.66
CA GLY D 40 -13.79 -2.80 -25.75
C GLY D 40 -14.85 -2.56 -26.79
N GLN D 41 -16.01 -3.18 -26.58
CA GLN D 41 -17.05 -3.16 -27.60
C GLN D 41 -18.42 -2.98 -26.98
N THR D 42 -19.43 -3.10 -27.83
CA THR D 42 -20.82 -2.91 -27.44
C THR D 42 -21.68 -3.87 -28.25
N TRP D 43 -23.00 -3.70 -28.18
CA TRP D 43 -23.92 -4.50 -28.98
C TRP D 43 -23.49 -4.53 -30.45
N TYR D 44 -22.80 -3.48 -30.88
CA TYR D 44 -22.49 -3.27 -32.30
C TYR D 44 -21.59 -4.35 -32.90
N GLU D 45 -20.83 -5.05 -32.06
CA GLU D 45 -19.97 -6.11 -32.58
C GLU D 45 -20.82 -7.18 -33.28
N TRP D 46 -22.10 -7.27 -32.92
CA TRP D 46 -22.99 -8.25 -33.52
C TRP D 46 -23.76 -7.75 -34.75
N HIS D 47 -23.47 -6.53 -35.20
CA HIS D 47 -24.33 -5.93 -36.23
C HIS D 47 -24.35 -6.67 -37.57
N GLN D 48 -23.29 -7.42 -37.88
CA GLN D 48 -23.31 -8.18 -39.14
C GLN D 48 -24.07 -9.50 -39.02
N LEU D 49 -24.06 -10.08 -37.83
CA LEU D 49 -24.76 -11.35 -37.59
C LEU D 49 -26.27 -11.12 -37.46
N MET D 50 -26.64 -9.99 -36.86
CA MET D 50 -28.03 -9.72 -36.48
C MET D 50 -29.06 -9.85 -37.62
N PRO D 51 -28.85 -9.16 -38.74
CA PRO D 51 -29.78 -9.23 -39.88
C PRO D 51 -30.01 -10.67 -40.37
N GLU D 52 -28.94 -11.45 -40.50
CA GLU D 52 -29.04 -12.84 -40.95
C GLU D 52 -29.76 -13.71 -39.93
N LEU D 53 -29.44 -13.51 -38.67
CA LEU D 53 -30.03 -14.29 -37.59
C LEU D 53 -31.51 -13.95 -37.45
N ALA D 54 -31.83 -12.68 -37.69
CA ALA D 54 -33.19 -12.16 -37.56
C ALA D 54 -34.18 -12.76 -38.56
N LYS D 55 -33.65 -13.47 -39.54
CA LYS D 55 -34.49 -14.16 -40.52
C LYS D 55 -35.22 -15.35 -39.89
N ARG D 56 -34.68 -15.88 -38.79
CA ARG D 56 -35.23 -17.09 -38.17
C ARG D 56 -35.54 -16.94 -36.68
N PHE D 57 -35.00 -15.88 -36.07
CA PHE D 57 -35.13 -15.67 -34.62
C PHE D 57 -35.45 -14.23 -34.28
N THR D 58 -35.96 -14.02 -33.07
CA THR D 58 -36.02 -12.69 -32.51
C THR D 58 -34.67 -12.50 -31.85
N VAL D 59 -33.98 -11.42 -32.23
CA VAL D 59 -32.61 -11.22 -31.79
C VAL D 59 -32.51 -9.99 -30.92
N ILE D 60 -31.94 -10.16 -29.73
CA ILE D 60 -31.68 -9.01 -28.87
C ILE D 60 -30.19 -8.91 -28.50
N ALA D 61 -29.64 -7.71 -28.63
CA ALA D 61 -28.23 -7.50 -28.33
C ALA D 61 -28.11 -6.35 -27.33
N PRO D 62 -27.92 -6.67 -26.06
CA PRO D 62 -27.86 -5.62 -25.04
C PRO D 62 -26.46 -5.04 -24.89
N ASP D 63 -26.38 -3.82 -24.38
CA ASP D 63 -25.10 -3.29 -23.90
C ASP D 63 -24.91 -3.74 -22.45
N LEU D 64 -23.73 -4.27 -22.12
CA LEU D 64 -23.45 -4.69 -20.75
C LEU D 64 -23.60 -3.49 -19.84
N PRO D 65 -24.07 -3.72 -18.60
CA PRO D 65 -24.19 -2.62 -17.64
C PRO D 65 -22.97 -1.71 -17.59
N GLY D 66 -23.19 -0.40 -17.68
CA GLY D 66 -22.11 0.57 -17.63
C GLY D 66 -21.44 0.83 -18.97
N LEU D 67 -21.62 -0.08 -19.93
CA LEU D 67 -20.98 0.02 -21.23
C LEU D 67 -22.02 0.41 -22.28
N GLY D 68 -21.55 0.84 -23.46
CA GLY D 68 -22.45 1.33 -24.48
C GLY D 68 -23.41 2.36 -23.90
N GLN D 69 -24.70 2.16 -24.08
CA GLN D 69 -25.71 3.09 -23.57
C GLN D 69 -26.47 2.54 -22.36
N SER D 70 -25.90 1.52 -21.72
CA SER D 70 -26.48 0.93 -20.52
C SER D 70 -25.99 1.56 -19.22
N GLU D 71 -26.90 1.72 -18.27
CA GLU D 71 -26.57 2.29 -16.96
C GLU D 71 -25.65 1.31 -16.22
N PRO D 72 -24.78 1.82 -15.33
CA PRO D 72 -23.98 0.87 -14.55
C PRO D 72 -24.86 0.02 -13.64
N PRO D 73 -24.35 -1.15 -13.21
CA PRO D 73 -25.10 -2.02 -12.30
C PRO D 73 -25.22 -1.33 -10.93
N LYS D 74 -26.31 -1.59 -10.23
CA LYS D 74 -26.50 -1.03 -8.90
C LYS D 74 -26.06 -2.01 -7.82
N THR D 75 -25.83 -3.26 -8.22
CA THR D 75 -25.36 -4.28 -7.30
C THR D 75 -23.83 -4.40 -7.36
N GLY D 76 -23.32 -4.89 -8.49
CA GLY D 76 -21.87 -4.96 -8.67
C GLY D 76 -21.51 -5.58 -10.01
N TYR D 77 -20.21 -5.79 -10.23
CA TYR D 77 -19.72 -6.25 -11.53
C TYR D 77 -19.27 -7.71 -11.56
N SER D 78 -19.47 -8.45 -10.48
CA SER D 78 -19.14 -9.88 -10.52
C SER D 78 -20.11 -10.59 -11.43
N GLY D 79 -19.71 -11.75 -11.94
CA GLY D 79 -20.50 -12.49 -12.91
C GLY D 79 -21.90 -12.78 -12.41
N GLU D 80 -22.00 -13.17 -11.15
CA GLU D 80 -23.31 -13.55 -10.62
C GLU D 80 -24.26 -12.35 -10.56
N GLN D 81 -23.72 -11.18 -10.20
CA GLN D 81 -24.53 -9.97 -10.12
C GLN D 81 -24.97 -9.50 -11.51
N VAL D 82 -24.04 -9.47 -12.45
CA VAL D 82 -24.35 -8.97 -13.80
C VAL D 82 -25.32 -9.91 -14.49
N ALA D 83 -25.10 -11.20 -14.29
CA ALA D 83 -25.93 -12.24 -14.89
C ALA D 83 -27.41 -12.08 -14.54
N VAL D 84 -27.70 -11.61 -13.33
CA VAL D 84 -29.10 -11.36 -12.96
C VAL D 84 -29.77 -10.39 -13.94
N TYR D 85 -29.09 -9.29 -14.24
CA TYR D 85 -29.63 -8.28 -15.16
C TYR D 85 -29.91 -8.87 -16.55
N LEU D 86 -28.96 -9.64 -17.07
CA LEU D 86 -29.08 -10.20 -18.42
C LEU D 86 -30.17 -11.27 -18.48
N HIS D 87 -30.20 -12.12 -17.45
CA HIS D 87 -31.26 -13.13 -17.35
C HIS D 87 -32.64 -12.47 -17.31
N LYS D 88 -32.81 -11.48 -16.43
CA LYS D 88 -34.11 -10.85 -16.31
C LYS D 88 -34.50 -10.11 -17.58
N LEU D 89 -33.55 -9.44 -18.21
CA LEU D 89 -33.84 -8.80 -19.50
C LEU D 89 -34.34 -9.81 -20.51
N ALA D 90 -33.64 -10.93 -20.65
CA ALA D 90 -34.04 -11.94 -21.61
C ALA D 90 -35.44 -12.45 -21.30
N ARG D 91 -35.71 -12.70 -20.02
CA ARG D 91 -37.01 -13.22 -19.61
C ARG D 91 -38.16 -12.27 -19.88
N GLN D 92 -37.89 -10.96 -19.92
CA GLN D 92 -38.91 -10.00 -20.31
C GLN D 92 -39.40 -10.29 -21.71
N PHE D 93 -38.48 -10.72 -22.58
CA PHE D 93 -38.85 -10.98 -23.97
C PHE D 93 -39.15 -12.44 -24.27
N SER D 94 -38.74 -13.35 -23.39
CA SER D 94 -38.99 -14.77 -23.62
C SER D 94 -39.50 -15.45 -22.33
N PRO D 95 -40.67 -15.03 -21.85
CA PRO D 95 -41.16 -15.49 -20.54
C PRO D 95 -41.62 -16.95 -20.59
N ASP D 96 -42.03 -17.42 -21.78
CA ASP D 96 -42.70 -18.70 -21.92
C ASP D 96 -41.90 -19.81 -22.61
N ARG D 97 -40.71 -19.49 -23.12
CA ARG D 97 -39.87 -20.47 -23.81
C ARG D 97 -38.42 -20.24 -23.44
N PRO D 98 -37.59 -21.29 -23.54
CA PRO D 98 -36.16 -21.04 -23.34
C PRO D 98 -35.64 -20.18 -24.49
N PHE D 99 -34.51 -19.52 -24.26
CA PHE D 99 -33.91 -18.68 -25.29
C PHE D 99 -32.47 -19.14 -25.55
N ASP D 100 -31.93 -18.78 -26.71
CA ASP D 100 -30.54 -19.10 -27.01
C ASP D 100 -29.64 -17.99 -26.53
N LEU D 101 -28.40 -18.34 -26.25
CA LEU D 101 -27.43 -17.36 -25.76
C LEU D 101 -26.11 -17.48 -26.51
N VAL D 102 -25.63 -16.36 -27.02
CA VAL D 102 -24.32 -16.30 -27.66
C VAL D 102 -23.51 -15.21 -26.94
N ALA D 103 -22.31 -15.55 -26.49
CA ALA D 103 -21.51 -14.56 -25.75
C ALA D 103 -20.05 -14.56 -26.16
N HIS D 104 -19.45 -13.37 -26.15
CA HIS D 104 -18.07 -13.18 -26.56
C HIS D 104 -17.29 -12.53 -25.42
N ASP D 105 -16.08 -13.03 -25.16
CA ASP D 105 -15.15 -12.38 -24.22
C ASP D 105 -15.82 -12.30 -22.84
N ILE D 106 -15.85 -11.13 -22.20
CA ILE D 106 -16.45 -11.04 -20.86
C ILE D 106 -17.97 -11.24 -20.83
N GLY D 107 -18.61 -11.26 -22.01
CA GLY D 107 -20.01 -11.66 -22.09
C GLY D 107 -20.21 -13.04 -21.48
N ILE D 108 -19.20 -13.89 -21.61
CA ILE D 108 -19.18 -15.20 -20.97
C ILE D 108 -19.21 -15.11 -19.42
N TRP D 109 -18.33 -14.28 -18.89
CA TRP D 109 -18.24 -14.08 -17.45
C TRP D 109 -19.58 -13.61 -16.89
N ASN D 110 -20.25 -12.76 -17.65
CA ASN D 110 -21.47 -12.11 -17.22
C ASN D 110 -22.74 -12.90 -17.53
N THR D 111 -22.57 -14.08 -18.12
CA THR D 111 -23.73 -14.92 -18.41
C THR D 111 -23.63 -16.32 -17.81
N TYR D 112 -22.42 -16.82 -17.58
CA TYR D 112 -22.30 -18.21 -17.13
C TYR D 112 -23.15 -18.53 -15.87
N PRO D 113 -23.10 -17.66 -14.84
CA PRO D 113 -23.89 -17.99 -13.66
C PRO D 113 -25.39 -18.13 -13.92
N MET D 114 -25.97 -17.33 -14.80
CA MET D 114 -27.41 -17.44 -15.01
C MET D 114 -27.79 -18.66 -15.88
N VAL D 115 -26.86 -19.09 -16.72
CA VAL D 115 -27.06 -20.32 -17.49
C VAL D 115 -27.06 -21.52 -16.56
N VAL D 116 -26.09 -21.59 -15.66
CA VAL D 116 -25.98 -22.76 -14.78
C VAL D 116 -27.13 -22.80 -13.78
N LYS D 117 -27.59 -21.63 -13.35
CA LYS D 117 -28.66 -21.56 -12.35
C LYS D 117 -30.06 -21.63 -12.97
N ASN D 118 -30.16 -21.40 -14.27
CA ASN D 118 -31.46 -21.41 -14.94
C ASN D 118 -31.43 -22.22 -16.23
N GLN D 119 -30.98 -23.47 -16.12
CA GLN D 119 -30.72 -24.29 -17.29
C GLN D 119 -31.94 -24.50 -18.17
N ALA D 120 -33.11 -24.63 -17.55
CA ALA D 120 -34.35 -24.83 -18.29
C ALA D 120 -34.68 -23.61 -19.17
N ASP D 121 -34.05 -22.48 -18.88
CA ASP D 121 -34.33 -21.25 -19.61
C ASP D 121 -33.44 -21.10 -20.85
N ILE D 122 -32.46 -21.97 -20.99
CA ILE D 122 -31.46 -21.84 -22.05
C ILE D 122 -31.53 -23.00 -23.03
N ALA D 123 -32.02 -22.73 -24.24
CA ALA D 123 -32.15 -23.78 -25.24
C ALA D 123 -30.79 -24.23 -25.72
N ARG D 124 -30.01 -23.28 -26.22
CA ARG D 124 -28.69 -23.58 -26.76
C ARG D 124 -27.73 -22.47 -26.39
N LEU D 125 -26.44 -22.81 -26.33
CA LEU D 125 -25.42 -21.91 -25.81
C LEU D 125 -24.23 -21.86 -26.77
N VAL D 126 -23.78 -20.64 -27.08
CA VAL D 126 -22.58 -20.45 -27.87
C VAL D 126 -21.62 -19.51 -27.13
N TYR D 127 -20.44 -20.01 -26.81
CA TYR D 127 -19.45 -19.24 -26.08
C TYR D 127 -18.20 -19.07 -26.94
N MET D 128 -17.66 -17.86 -27.01
CA MET D 128 -16.45 -17.65 -27.81
C MET D 128 -15.44 -16.72 -27.17
N GLN D 129 -14.18 -17.14 -27.17
CA GLN D 129 -13.04 -16.27 -26.89
C GLN D 129 -12.96 -15.64 -25.50
N ALA D 130 -12.91 -16.49 -24.49
CA ALA D 130 -12.60 -16.11 -23.12
C ALA D 130 -12.80 -17.29 -22.20
N PRO D 131 -11.92 -17.45 -21.21
CA PRO D 131 -12.14 -18.54 -20.25
C PRO D 131 -13.40 -18.25 -19.45
N ILE D 132 -14.20 -19.26 -19.14
CA ILE D 132 -15.11 -19.14 -18.01
C ILE D 132 -14.22 -18.89 -16.79
N PRO D 133 -14.58 -17.91 -15.94
CA PRO D 133 -13.70 -17.64 -14.81
C PRO D 133 -13.56 -18.83 -13.88
N ASP D 134 -12.35 -19.38 -13.85
CA ASP D 134 -12.00 -20.47 -12.94
C ASP D 134 -10.48 -20.51 -12.74
N ALA D 135 -10.01 -21.55 -12.05
CA ALA D 135 -8.60 -21.64 -11.68
C ALA D 135 -7.67 -21.68 -12.89
N ARG D 136 -8.22 -21.99 -14.05
CA ARG D 136 -7.41 -22.03 -15.28
C ARG D 136 -6.77 -20.69 -15.63
N ILE D 137 -7.45 -19.59 -15.28
CA ILE D 137 -6.92 -18.27 -15.62
C ILE D 137 -5.61 -17.96 -14.90
N TYR D 138 -5.35 -18.62 -13.77
CA TYR D 138 -4.12 -18.39 -13.02
C TYR D 138 -2.89 -19.07 -13.64
N ARG D 139 -3.10 -19.80 -14.73
CA ARG D 139 -2.02 -20.52 -15.39
C ARG D 139 -1.48 -19.79 -16.61
N PHE D 140 -2.22 -18.80 -17.11
CA PHE D 140 -1.75 -18.05 -18.28
C PHE D 140 -0.50 -17.27 -17.88
N PRO D 141 0.51 -17.25 -18.76
CA PRO D 141 1.78 -16.59 -18.47
C PRO D 141 1.74 -15.05 -18.55
N ALA D 142 2.58 -14.40 -17.74
CA ALA D 142 2.70 -12.96 -17.71
C ALA D 142 3.43 -12.41 -18.93
N PHE D 143 4.28 -13.24 -19.53
CA PHE D 143 5.22 -12.79 -20.55
C PHE D 143 5.61 -13.99 -21.40
N THR D 144 5.89 -13.75 -22.68
CA THR D 144 6.20 -14.85 -23.60
C THR D 144 7.46 -14.55 -24.40
N ALA D 145 8.06 -15.59 -24.97
CA ALA D 145 9.30 -15.46 -25.72
C ALA D 145 9.14 -14.65 -27.01
N GLN D 146 7.90 -14.29 -27.35
CA GLN D 146 7.58 -13.47 -28.52
C GLN D 146 7.21 -12.02 -28.18
N GLY D 147 6.97 -11.75 -26.91
CA GLY D 147 6.55 -10.42 -26.48
C GLY D 147 5.40 -10.47 -25.49
N GLU D 148 4.55 -9.45 -25.49
CA GLU D 148 3.44 -9.41 -24.55
C GLU D 148 2.52 -10.62 -24.71
N SER D 149 1.99 -11.10 -23.59
CA SER D 149 1.13 -12.28 -23.56
C SER D 149 -0.34 -11.92 -23.76
N LEU D 150 -1.20 -12.93 -23.76
CA LEU D 150 -2.63 -12.74 -24.05
C LEU D 150 -3.42 -12.03 -22.95
N VAL D 151 -3.12 -12.32 -21.69
CA VAL D 151 -3.97 -11.83 -20.61
C VAL D 151 -3.27 -11.03 -19.51
N TRP D 152 -2.12 -10.45 -19.83
CA TRP D 152 -1.49 -9.55 -18.85
C TRP D 152 -2.43 -8.41 -18.52
N HIS D 153 -3.34 -8.11 -19.44
CA HIS D 153 -4.30 -7.04 -19.21
C HIS D 153 -5.28 -7.31 -18.07
N PHE D 154 -5.45 -8.57 -17.71
CA PHE D 154 -6.27 -8.93 -16.55
C PHE D 154 -5.72 -8.20 -15.33
N SER D 155 -4.40 -8.23 -15.16
CA SER D 155 -3.76 -7.57 -14.03
C SER D 155 -3.76 -6.04 -14.14
N PHE D 156 -3.50 -5.53 -15.33
CA PHE D 156 -3.56 -4.09 -15.60
C PHE D 156 -4.95 -3.55 -15.25
N PHE D 157 -5.98 -4.24 -15.74
CA PHE D 157 -7.35 -3.75 -15.53
C PHE D 157 -7.80 -3.91 -14.07
N ALA D 158 -7.32 -4.96 -13.40
CA ALA D 158 -7.71 -5.24 -12.01
C ALA D 158 -6.99 -4.38 -10.99
N ALA D 159 -5.87 -3.78 -11.38
CA ALA D 159 -5.04 -3.00 -10.47
C ALA D 159 -5.86 -1.90 -9.81
N ASP D 160 -5.53 -1.58 -8.56
CA ASP D 160 -6.23 -0.53 -7.83
C ASP D 160 -5.67 0.86 -8.19
N ASP D 161 -6.01 1.86 -7.38
CA ASP D 161 -5.65 3.24 -7.67
C ASP D 161 -6.24 3.77 -8.98
N ARG D 162 -7.28 3.09 -9.48
CA ARG D 162 -7.80 3.39 -10.83
C ARG D 162 -6.65 3.46 -11.83
N LEU D 163 -5.74 2.50 -11.78
CA LEU D 163 -4.54 2.58 -12.61
C LEU D 163 -4.91 2.64 -14.10
N ALA D 164 -5.80 1.76 -14.53
CA ALA D 164 -6.18 1.71 -15.94
C ALA D 164 -6.86 3.01 -16.40
N GLU D 165 -7.84 3.51 -15.64
CA GLU D 165 -8.54 4.72 -16.05
C GLU D 165 -7.58 5.91 -16.12
N THR D 166 -6.67 5.96 -15.17
CA THR D 166 -5.82 7.13 -15.01
C THR D 166 -4.85 7.23 -16.19
N LEU D 167 -4.23 6.11 -16.53
CA LEU D 167 -3.27 6.07 -17.63
C LEU D 167 -3.94 6.11 -19.00
N ILE D 168 -5.16 5.59 -19.11
CA ILE D 168 -5.81 5.52 -20.41
C ILE D 168 -6.64 6.76 -20.76
N ALA D 169 -7.13 7.45 -19.74
CA ALA D 169 -7.88 8.69 -19.96
C ALA D 169 -7.05 9.69 -20.77
N GLY D 170 -7.66 10.27 -21.79
CA GLY D 170 -6.93 11.14 -22.71
C GLY D 170 -6.33 10.38 -23.88
N LYS D 171 -6.17 9.06 -23.71
CA LYS D 171 -5.55 8.21 -24.73
C LYS D 171 -6.44 7.00 -25.05
N GLU D 172 -7.75 7.17 -25.00
CA GLU D 172 -8.67 6.04 -25.14
C GLU D 172 -8.60 5.37 -26.51
N ARG D 173 -8.57 6.19 -27.56
CA ARG D 173 -8.50 5.70 -28.93
C ARG D 173 -7.18 5.00 -29.18
N PHE D 174 -6.08 5.63 -28.78
CA PHE D 174 -4.76 5.01 -28.88
C PHE D 174 -4.71 3.64 -28.20
N PHE D 175 -5.16 3.58 -26.95
CA PHE D 175 -5.09 2.31 -26.23
C PHE D 175 -5.96 1.22 -26.87
N LEU D 176 -7.20 1.55 -27.19
CA LEU D 176 -8.11 0.56 -27.77
C LEU D 176 -7.56 0.03 -29.09
N GLU D 177 -7.00 0.89 -29.92
CA GLU D 177 -6.43 0.40 -31.17
C GLU D 177 -5.31 -0.59 -30.90
N HIS D 178 -4.41 -0.26 -29.96
CA HIS D 178 -3.33 -1.17 -29.64
C HIS D 178 -3.86 -2.48 -29.08
N PHE D 179 -4.82 -2.38 -28.19
CA PHE D 179 -5.39 -3.57 -27.56
C PHE D 179 -6.07 -4.47 -28.60
N ILE D 180 -6.91 -3.88 -29.43
CA ILE D 180 -7.61 -4.64 -30.46
C ILE D 180 -6.64 -5.27 -31.45
N LYS D 181 -5.74 -4.47 -32.01
CA LYS D 181 -4.83 -5.03 -33.01
C LYS D 181 -3.86 -6.05 -32.41
N SER D 182 -3.48 -5.86 -31.15
CA SER D 182 -2.57 -6.80 -30.50
C SER D 182 -3.25 -8.15 -30.21
N HIS D 183 -4.58 -8.16 -30.18
CA HIS D 183 -5.30 -9.40 -29.96
C HIS D 183 -5.92 -9.93 -31.25
N ALA D 184 -5.53 -9.33 -32.36
CA ALA D 184 -6.11 -9.67 -33.65
C ALA D 184 -5.14 -10.43 -34.55
N SER D 185 -5.72 -11.16 -35.50
CA SER D 185 -4.95 -11.71 -36.61
CA SER D 185 -4.93 -11.70 -36.61
C SER D 185 -5.13 -10.81 -37.82
N ASN D 186 -6.39 -10.53 -38.13
CA ASN D 186 -6.73 -9.67 -39.25
C ASN D 186 -7.00 -8.27 -38.76
N THR D 187 -5.98 -7.43 -38.75
CA THR D 187 -6.16 -6.08 -38.25
C THR D 187 -6.96 -5.20 -39.22
N GLU D 188 -6.93 -5.55 -40.51
CA GLU D 188 -7.52 -4.70 -41.53
C GLU D 188 -9.03 -4.49 -41.37
N VAL D 189 -9.70 -5.43 -40.70
CA VAL D 189 -11.15 -5.35 -40.58
C VAL D 189 -11.55 -4.24 -39.62
N PHE D 190 -10.57 -3.68 -38.92
CA PHE D 190 -10.84 -2.57 -38.01
C PHE D 190 -10.41 -1.24 -38.63
N SER D 191 -11.33 -0.63 -39.37
CA SER D 191 -11.08 0.66 -40.00
C SER D 191 -10.87 1.72 -38.93
N GLU D 192 -10.22 2.81 -39.30
CA GLU D 192 -10.04 3.92 -38.37
C GLU D 192 -11.42 4.40 -37.89
N ARG D 193 -12.41 4.33 -38.77
CA ARG D 193 -13.75 4.80 -38.42
C ARG D 193 -14.40 3.92 -37.35
N LEU D 194 -14.33 2.61 -37.53
CA LEU D 194 -14.84 1.67 -36.55
C LEU D 194 -14.17 1.84 -35.19
N LEU D 195 -12.84 2.02 -35.21
CA LEU D 195 -12.10 2.25 -33.98
C LEU D 195 -12.56 3.52 -33.29
N ASP D 196 -12.83 4.55 -34.09
CA ASP D 196 -13.34 5.81 -33.56
C ASP D 196 -14.64 5.59 -32.78
N LEU D 197 -15.55 4.83 -33.37
CA LEU D 197 -16.85 4.55 -32.76
C LEU D 197 -16.73 3.78 -31.43
N TYR D 198 -15.90 2.76 -31.42
CA TYR D 198 -15.70 2.00 -30.19
C TYR D 198 -15.00 2.84 -29.12
N ALA D 199 -13.97 3.58 -29.52
CA ALA D 199 -13.23 4.41 -28.59
C ALA D 199 -14.11 5.49 -27.95
N ARG D 200 -14.99 6.10 -28.73
CA ARG D 200 -15.81 7.17 -28.17
C ARG D 200 -16.80 6.63 -27.13
N SER D 201 -17.30 5.42 -27.36
CA SER D 201 -18.25 4.83 -26.42
C SER D 201 -17.58 4.52 -25.09
N TYR D 202 -16.47 3.81 -25.11
CA TYR D 202 -15.86 3.35 -23.86
C TYR D 202 -15.06 4.46 -23.18
N ALA D 203 -14.92 5.60 -23.87
CA ALA D 203 -14.24 6.75 -23.28
C ALA D 203 -15.14 7.53 -22.33
N LYS D 204 -16.45 7.33 -22.41
CA LYS D 204 -17.34 7.94 -21.43
C LYS D 204 -16.81 7.56 -20.05
N PRO D 205 -16.61 8.55 -19.16
CA PRO D 205 -15.96 8.22 -17.88
C PRO D 205 -16.59 7.03 -17.15
N HIS D 206 -17.92 6.95 -17.10
CA HIS D 206 -18.55 5.83 -16.41
C HIS D 206 -18.33 4.49 -17.11
N SER D 207 -18.19 4.53 -18.43
CA SER D 207 -17.94 3.35 -19.24
C SER D 207 -16.48 2.88 -19.16
N LEU D 208 -15.56 3.84 -19.08
CA LEU D 208 -14.16 3.49 -18.94
C LEU D 208 -13.97 2.78 -17.61
N ASN D 209 -14.57 3.33 -16.56
CA ASN D 209 -14.54 2.69 -15.26
C ASN D 209 -15.25 1.34 -15.25
N ALA D 210 -16.45 1.26 -15.84
CA ALA D 210 -17.19 0.01 -15.87
C ALA D 210 -16.34 -1.10 -16.48
N SER D 211 -15.68 -0.76 -17.59
CA SER D 211 -14.87 -1.72 -18.34
C SER D 211 -13.96 -2.49 -17.41
N PHE D 212 -13.23 -1.74 -16.57
CA PHE D 212 -12.24 -2.32 -15.68
C PHE D 212 -12.82 -2.94 -14.39
N GLU D 213 -13.98 -2.45 -13.96
CA GLU D 213 -14.64 -3.05 -12.81
C GLU D 213 -14.99 -4.52 -13.04
N TYR D 214 -15.27 -4.88 -14.29
CA TYR D 214 -15.48 -6.29 -14.61
C TYR D 214 -14.25 -7.11 -14.27
N TYR D 215 -13.07 -6.54 -14.51
CA TYR D 215 -11.83 -7.21 -14.17
C TYR D 215 -11.51 -7.17 -12.68
N ARG D 216 -11.84 -6.06 -12.04
CA ARG D 216 -11.65 -5.96 -10.59
C ARG D 216 -12.52 -6.94 -9.82
N ALA D 217 -13.58 -7.42 -10.48
CA ALA D 217 -14.44 -8.44 -9.89
C ALA D 217 -14.09 -9.87 -10.32
N LEU D 218 -13.05 -10.02 -11.13
CA LEU D 218 -12.73 -11.35 -11.72
C LEU D 218 -12.45 -12.43 -10.68
N ASN D 219 -11.61 -12.14 -9.69
CA ASN D 219 -11.32 -13.12 -8.65
C ASN D 219 -12.58 -13.51 -7.91
N GLU D 220 -13.43 -12.53 -7.64
CA GLU D 220 -14.71 -12.82 -6.99
C GLU D 220 -15.55 -13.74 -7.88
N SER D 221 -15.54 -13.47 -9.18
CA SER D 221 -16.30 -14.32 -10.11
C SER D 221 -15.75 -15.75 -10.11
N VAL D 222 -14.43 -15.88 -10.06
CA VAL D 222 -13.80 -17.20 -9.96
C VAL D 222 -14.31 -17.95 -8.72
N ARG D 223 -14.37 -17.24 -7.60
CA ARG D 223 -14.79 -17.87 -6.35
C ARG D 223 -16.28 -18.25 -6.42
N GLN D 224 -17.09 -17.39 -7.03
CA GLN D 224 -18.52 -17.69 -7.20
C GLN D 224 -18.68 -18.94 -8.05
N ASN D 225 -17.88 -19.03 -9.11
CA ASN D 225 -18.01 -20.12 -10.06
C ASN D 225 -17.56 -21.47 -9.51
N ALA D 226 -16.70 -21.44 -8.50
CA ALA D 226 -16.25 -22.68 -7.85
C ALA D 226 -17.42 -23.44 -7.28
N GLU D 227 -18.38 -22.70 -6.72
CA GLU D 227 -19.60 -23.31 -6.19
C GLU D 227 -20.57 -23.70 -7.31
N LEU D 228 -20.74 -22.80 -8.27
CA LEU D 228 -21.71 -23.01 -9.36
C LEU D 228 -21.38 -24.22 -10.23
N ALA D 229 -20.08 -24.44 -10.44
CA ALA D 229 -19.61 -25.42 -11.42
C ALA D 229 -19.80 -26.87 -10.95
N LYS D 230 -20.35 -27.04 -9.77
CA LYS D 230 -20.71 -28.37 -9.28
C LYS D 230 -21.86 -28.97 -10.10
N THR D 231 -22.67 -28.09 -10.68
CA THR D 231 -23.73 -28.51 -11.60
C THR D 231 -23.28 -28.31 -13.04
N ARG D 232 -23.16 -29.40 -13.80
CA ARG D 232 -22.73 -29.27 -15.19
C ARG D 232 -23.86 -28.81 -16.11
N LEU D 233 -23.49 -28.24 -17.25
CA LEU D 233 -24.46 -27.75 -18.22
C LEU D 233 -25.00 -28.89 -19.08
N GLN D 234 -26.32 -28.93 -19.24
CA GLN D 234 -26.97 -30.01 -19.97
C GLN D 234 -27.40 -29.67 -21.40
N MET D 235 -27.53 -28.37 -21.71
CA MET D 235 -28.00 -27.95 -23.03
C MET D 235 -26.93 -28.08 -24.12
N PRO D 236 -27.36 -28.21 -25.39
CA PRO D 236 -26.39 -28.23 -26.48
C PRO D 236 -25.53 -26.96 -26.48
N THR D 237 -24.22 -27.13 -26.53
CA THR D 237 -23.29 -26.01 -26.47
C THR D 237 -22.32 -26.06 -27.63
N MET D 238 -21.93 -24.88 -28.13
CA MET D 238 -20.87 -24.79 -29.11
C MET D 238 -19.86 -23.74 -28.67
N THR D 239 -18.58 -24.07 -28.80
CA THR D 239 -17.53 -23.08 -28.57
C THR D 239 -16.89 -22.70 -29.90
N LEU D 240 -16.46 -21.44 -29.98
CA LEU D 240 -15.65 -20.95 -31.10
C LEU D 240 -14.43 -20.20 -30.59
N ALA D 241 -13.32 -20.35 -31.29
CA ALA D 241 -12.07 -19.71 -30.92
C ALA D 241 -11.27 -19.43 -32.18
N GLY D 242 -10.41 -18.42 -32.13
CA GLY D 242 -9.51 -18.13 -33.23
C GLY D 242 -8.29 -19.02 -33.13
N GLY D 243 -7.77 -19.43 -34.29
CA GLY D 243 -6.57 -20.24 -34.34
C GLY D 243 -5.34 -19.41 -34.60
N GLY D 244 -5.54 -18.13 -34.93
CA GLY D 244 -4.44 -17.22 -35.21
C GLY D 244 -3.99 -16.37 -34.02
N HIS D 245 -3.17 -15.36 -34.30
CA HIS D 245 -2.65 -14.47 -33.27
C HIS D 245 -3.79 -13.86 -32.50
N GLY D 246 -3.76 -14.00 -31.17
CA GLY D 246 -4.78 -13.45 -30.30
C GLY D 246 -5.87 -14.45 -29.95
N GLY D 247 -5.88 -15.58 -30.65
CA GLY D 247 -6.89 -16.59 -30.43
C GLY D 247 -6.62 -17.46 -29.21
N MET D 248 -7.67 -18.04 -28.65
CA MET D 248 -7.56 -18.98 -27.54
C MET D 248 -7.21 -20.41 -28.02
N GLY D 249 -7.35 -20.64 -29.32
CA GLY D 249 -7.08 -21.95 -29.87
C GLY D 249 -7.89 -23.04 -29.20
N THR D 250 -7.23 -24.13 -28.84
CA THR D 250 -7.93 -25.30 -28.33
C THR D 250 -8.43 -25.12 -26.89
N PHE D 251 -7.97 -24.06 -26.21
CA PHE D 251 -8.36 -23.82 -24.82
C PHE D 251 -9.88 -23.75 -24.63
N GLN D 252 -10.56 -23.07 -25.55
CA GLN D 252 -11.99 -22.82 -25.40
C GLN D 252 -12.79 -24.11 -25.26
N LEU D 253 -12.61 -25.02 -26.20
CA LEU D 253 -13.36 -26.27 -26.18
C LEU D 253 -12.92 -27.14 -25.01
N GLU D 254 -11.62 -27.21 -24.80
CA GLU D 254 -11.09 -28.07 -23.74
C GLU D 254 -11.59 -27.66 -22.36
N GLN D 255 -11.66 -26.35 -22.11
CA GLN D 255 -12.23 -25.91 -20.84
C GLN D 255 -13.70 -26.27 -20.79
N MET D 256 -14.43 -25.99 -21.86
CA MET D 256 -15.88 -26.19 -21.88
C MET D 256 -16.23 -27.67 -21.67
N LYS D 257 -15.38 -28.57 -22.15
CA LYS D 257 -15.59 -29.99 -21.93
C LYS D 257 -15.78 -30.30 -20.44
N ALA D 258 -15.11 -29.52 -19.60
CA ALA D 258 -15.23 -29.71 -18.16
C ALA D 258 -16.55 -29.18 -17.60
N TYR D 259 -17.24 -28.34 -18.37
CA TYR D 259 -18.49 -27.75 -17.91
C TYR D 259 -19.73 -28.33 -18.55
N ALA D 260 -19.59 -28.88 -19.76
CA ALA D 260 -20.76 -29.26 -20.53
C ALA D 260 -20.72 -30.69 -21.06
N GLU D 261 -21.85 -31.38 -20.96
CA GLU D 261 -21.99 -32.75 -21.44
C GLU D 261 -22.04 -32.83 -22.96
N ASP D 262 -22.76 -31.88 -23.56
CA ASP D 262 -23.03 -31.86 -25.00
C ASP D 262 -22.38 -30.63 -25.64
N VAL D 263 -21.12 -30.77 -26.05
CA VAL D 263 -20.38 -29.64 -26.62
C VAL D 263 -19.60 -30.00 -27.87
N GLU D 264 -19.68 -29.11 -28.85
CA GLU D 264 -18.85 -29.20 -30.04
C GLU D 264 -18.06 -27.90 -30.14
N GLY D 265 -16.86 -27.97 -30.69
CA GLY D 265 -16.03 -26.79 -30.80
C GLY D 265 -15.48 -26.61 -32.20
N HIS D 266 -15.15 -25.36 -32.52
CA HIS D 266 -14.39 -25.07 -33.72
C HIS D 266 -13.29 -24.08 -33.42
N VAL D 267 -12.15 -24.29 -34.06
CA VAL D 267 -11.06 -23.32 -34.05
C VAL D 267 -10.96 -22.77 -35.46
N LEU D 268 -11.00 -21.45 -35.59
CA LEU D 268 -10.99 -20.80 -36.90
C LEU D 268 -9.60 -20.29 -37.28
N PRO D 269 -8.95 -20.96 -38.25
CA PRO D 269 -7.63 -20.57 -38.73
C PRO D 269 -7.67 -19.18 -39.35
N GLY D 270 -6.63 -18.38 -39.13
CA GLY D 270 -6.57 -17.07 -39.73
C GLY D 270 -7.35 -16.01 -38.97
N CYS D 271 -7.86 -16.35 -37.80
CA CYS D 271 -8.63 -15.43 -36.97
C CYS D 271 -8.08 -15.35 -35.56
N GLY D 272 -8.12 -14.14 -35.00
CA GLY D 272 -7.68 -13.91 -33.63
C GLY D 272 -8.84 -13.82 -32.64
N HIS D 273 -8.84 -12.76 -31.83
CA HIS D 273 -9.81 -12.64 -30.72
C HIS D 273 -11.21 -12.17 -31.17
N TRP D 274 -11.25 -11.32 -32.18
CA TRP D 274 -12.47 -10.64 -32.55
C TRP D 274 -13.23 -11.36 -33.67
N LEU D 275 -13.69 -12.57 -33.37
CA LEU D 275 -14.32 -13.41 -34.39
C LEU D 275 -15.39 -12.70 -35.23
N PRO D 276 -16.34 -12.00 -34.58
CA PRO D 276 -17.43 -11.42 -35.38
C PRO D 276 -16.94 -10.44 -36.44
N GLU D 277 -15.81 -9.79 -36.18
CA GLU D 277 -15.25 -8.85 -37.15
C GLU D 277 -14.17 -9.47 -38.04
N GLU D 278 -13.26 -10.22 -37.45
CA GLU D 278 -12.15 -10.77 -38.20
C GLU D 278 -12.56 -11.90 -39.12
N CYS D 279 -13.58 -12.64 -38.72
CA CYS D 279 -13.99 -13.82 -39.46
C CYS D 279 -15.52 -13.93 -39.43
N ALA D 280 -16.14 -12.84 -39.89
CA ALA D 280 -17.59 -12.65 -39.86
C ALA D 280 -18.35 -13.76 -40.55
N ALA D 281 -18.04 -14.01 -41.83
CA ALA D 281 -18.81 -14.97 -42.61
C ALA D 281 -18.84 -16.38 -42.02
N PRO D 282 -17.65 -16.97 -41.76
CA PRO D 282 -17.62 -18.32 -41.21
C PRO D 282 -18.15 -18.36 -39.77
N MET D 283 -17.85 -17.33 -38.97
CA MET D 283 -18.42 -17.28 -37.62
C MET D 283 -19.94 -17.23 -37.70
N ASN D 284 -20.46 -16.31 -38.52
CA ASN D 284 -21.91 -16.18 -38.68
C ASN D 284 -22.53 -17.50 -39.09
N ARG D 285 -21.90 -18.20 -40.04
CA ARG D 285 -22.43 -19.43 -40.59
C ARG D 285 -22.52 -20.50 -39.50
N LEU D 286 -21.44 -20.64 -38.73
CA LEU D 286 -21.41 -21.65 -37.69
C LEU D 286 -22.46 -21.40 -36.59
N VAL D 287 -22.63 -20.14 -36.23
CA VAL D 287 -23.63 -19.77 -35.24
C VAL D 287 -25.05 -20.02 -35.76
N ILE D 288 -25.34 -19.47 -36.95
CA ILE D 288 -26.68 -19.65 -37.54
C ILE D 288 -27.05 -21.12 -37.66
N ASP D 289 -26.13 -21.91 -38.22
CA ASP D 289 -26.37 -23.34 -38.38
C ASP D 289 -26.57 -24.05 -37.04
N PHE D 290 -25.69 -23.78 -36.08
CA PHE D 290 -25.81 -24.42 -34.77
C PHE D 290 -27.16 -24.09 -34.11
N LEU D 291 -27.57 -22.83 -34.15
CA LEU D 291 -28.82 -22.46 -33.50
C LEU D 291 -30.02 -22.95 -34.28
N SER D 292 -29.84 -23.16 -35.57
CA SER D 292 -30.95 -23.54 -36.43
C SER D 292 -31.32 -25.03 -36.32
N ARG D 293 -30.48 -25.80 -35.63
CA ARG D 293 -30.83 -27.18 -35.34
C ARG D 293 -32.03 -27.22 -34.38
N GLY D 294 -32.26 -26.13 -33.67
CA GLY D 294 -33.42 -26.00 -32.80
C GLY D 294 -34.61 -25.46 -33.58
N ARG D 295 -35.76 -25.33 -32.91
CA ARG D 295 -36.95 -24.78 -33.56
C ARG D 295 -36.86 -23.26 -33.69
N HIS D 296 -37.05 -22.76 -34.91
CA HIS D 296 -36.92 -21.33 -35.18
C HIS D 296 -38.05 -20.81 -36.06
C02 EBH E . -9.12 -2.52 14.44
C03 EBH E . -8.90 -2.15 15.89
O04 EBH E . -8.43 -0.85 16.07
C05 EBH E . -8.12 -3.17 16.68
BR6 EBH E . -6.31 -3.50 16.08
C02 EBH F . 9.34 16.25 21.02
C03 EBH F . 9.79 14.96 20.36
O04 EBH F . 8.79 14.41 19.58
C05 EBH F . 10.36 13.96 21.31
BR6 EBH F . 9.15 13.29 22.66
C02 EBH G . 12.12 -4.98 -11.24
C03 EBH G . 12.08 -5.78 -12.52
O04 EBH G . 10.94 -5.52 -13.28
C05 EBH G . 12.32 -7.24 -12.33
BR6 EBH G . 11.00 -8.15 -11.21
C02 EBH H . -11.51 -10.12 -23.37
C03 EBH H . -11.18 -10.59 -21.97
O04 EBH H . -10.16 -9.86 -21.39
C05 EBH H . -10.94 -12.07 -21.90
BR6 EBH H . -9.37 -12.69 -22.84
#